data_9PXP
#
_entry.id   9PXP
#
_cell.length_a   129.542
_cell.length_b   129.542
_cell.length_c   140.193
_cell.angle_alpha   90.000
_cell.angle_beta   90.000
_cell.angle_gamma   90.000
#
_symmetry.space_group_name_H-M   'P 4 21 2'
#
loop_
_entity.id
_entity.type
_entity.pdbx_description
1 polymer 'Protein fem-1 homolog B'
2 non-polymer 2-tert-butyl-4,5-dichloropyridazin-3(2H)-one
3 water water
#
_entity_poly.entity_id   1
_entity_poly.type   'polypeptide(L)'
_entity_poly.pdbx_seq_one_letter_code
;GHMEGLAGYVYKAASEGKVLTLAALLLNRSESDIRYLLGYVSQQGGQRSTPLIIAARNGHAKVVRLLLEHYRVQTQQTGT
VRFDGYVIDGATALWCAAGAGHFEVVKLLVSHGANVNHTTVTNSTPLRAACFDGRLDIVKYLVENNANISIANKYDNTCL
MIAAYKGHTDVVRYLLEQRADPNAKAHCGATALHFAAEAGHIDIVKELIKWRAAIVVNGHGMTPLKVAAESCKADVVELL
LSHADCDRRSRIEALELLGASFANDRENYDIIKTYHYLYLAMLERFQDGDNILEKEVLPPIHAYGNRTECRNPQELESIR
QDRDALHMEGLIVRERILGGGGSGGGSKKRLLLGLDR
;
_entity_poly.pdbx_strand_id   A,B
#
loop_
_chem_comp.id
_chem_comp.type
_chem_comp.name
_chem_comp.formula
A1CMY non-polymer 2-tert-butyl-4,5-dichloropyridazin-3(2H)-one 'C8 H10 Cl2 N2 O'
#
# COMPACT_ATOMS: atom_id res chain seq x y z
N HIS A 2 44.55 28.27 -20.13
CA HIS A 2 44.43 27.19 -21.11
C HIS A 2 44.43 25.83 -20.42
N MET A 3 44.92 25.79 -19.18
CA MET A 3 45.02 24.54 -18.44
C MET A 3 43.68 24.12 -17.83
N GLU A 4 42.70 25.01 -17.82
CA GLU A 4 41.36 24.63 -17.37
C GLU A 4 40.78 23.55 -18.28
N GLY A 5 41.14 23.57 -19.56
CA GLY A 5 40.66 22.54 -20.47
C GLY A 5 41.30 21.18 -20.22
N LEU A 6 42.62 21.16 -20.03
CA LEU A 6 43.31 19.91 -19.77
C LEU A 6 42.82 19.24 -18.50
N ALA A 7 42.42 20.03 -17.50
CA ALA A 7 41.87 19.43 -16.28
C ALA A 7 40.61 18.63 -16.59
N GLY A 8 39.81 19.08 -17.55
CA GLY A 8 38.62 18.34 -17.94
C GLY A 8 38.97 17.07 -18.70
N TYR A 9 39.94 17.15 -19.61
CA TYR A 9 40.46 15.96 -20.27
C TYR A 9 40.94 14.93 -19.25
N VAL A 10 41.66 15.40 -18.23
CA VAL A 10 42.14 14.49 -17.18
C VAL A 10 40.97 13.92 -16.39
N TYR A 11 40.00 14.78 -16.04
CA TYR A 11 38.78 14.30 -15.41
C TYR A 11 38.09 13.22 -16.24
N LYS A 12 37.85 13.50 -17.51
CA LYS A 12 37.23 12.54 -18.43
C LYS A 12 37.91 11.18 -18.34
N ALA A 13 39.22 11.15 -18.63
CA ALA A 13 40.00 9.92 -18.59
C ALA A 13 39.89 9.24 -17.23
N ALA A 14 39.88 10.00 -16.15
CA ALA A 14 39.75 9.41 -14.83
C ALA A 14 38.37 8.81 -14.62
N SER A 15 37.32 9.56 -14.97
CA SER A 15 35.96 9.05 -14.84
C SER A 15 35.73 7.86 -15.76
N GLU A 16 36.43 7.79 -16.88
CA GLU A 16 36.27 6.71 -17.86
C GLU A 16 37.19 5.53 -17.60
N GLY A 17 38.07 5.62 -16.60
CA GLY A 17 38.96 4.52 -16.30
C GLY A 17 40.01 4.27 -17.34
N LYS A 18 40.25 5.22 -18.23
CA LYS A 18 41.26 5.11 -19.28
C LYS A 18 42.62 5.51 -18.68
N VAL A 19 43.26 4.53 -18.05
CA VAL A 19 44.50 4.79 -17.32
C VAL A 19 45.60 5.25 -18.29
N LEU A 20 45.71 4.59 -19.44
CA LEU A 20 46.68 5.02 -20.44
C LEU A 20 46.38 6.44 -20.91
N THR A 21 45.11 6.76 -21.17
CA THR A 21 44.77 8.13 -21.55
C THR A 21 45.10 9.09 -20.42
N LEU A 22 44.84 8.69 -19.17
CA LEU A 22 45.15 9.54 -18.03
C LEU A 22 46.66 9.69 -17.86
N ALA A 23 47.38 8.56 -17.84
CA ALA A 23 48.84 8.60 -17.68
C ALA A 23 49.49 9.44 -18.76
N ALA A 24 49.02 9.33 -20.00
CA ALA A 24 49.58 10.10 -21.10
C ALA A 24 49.48 11.61 -20.85
N LEU A 25 48.34 12.06 -20.30
CA LEU A 25 48.16 13.48 -20.03
C LEU A 25 49.08 13.96 -18.91
N LEU A 26 49.28 13.12 -17.89
CA LEU A 26 49.94 13.58 -16.67
C LEU A 26 51.45 13.76 -16.85
N LEU A 27 52.08 13.01 -17.75
CA LEU A 27 53.52 13.18 -17.86
C LEU A 27 53.85 14.42 -18.70
N ASN A 28 55.13 14.80 -18.67
CA ASN A 28 55.63 16.04 -19.26
C ASN A 28 54.87 17.24 -18.72
N ARG A 29 54.65 17.24 -17.41
CA ARG A 29 54.02 18.34 -16.70
C ARG A 29 54.81 18.64 -15.42
N SER A 30 54.78 19.91 -15.03
CA SER A 30 55.49 20.33 -13.84
C SER A 30 54.73 19.91 -12.60
N GLU A 31 55.44 19.87 -11.47
CA GLU A 31 54.80 19.55 -10.20
C GLU A 31 53.66 20.53 -9.91
N SER A 32 53.86 21.80 -10.24
CA SER A 32 52.79 22.78 -10.12
C SER A 32 51.56 22.36 -10.91
N ASP A 33 51.78 21.82 -12.11
CA ASP A 33 50.66 21.45 -12.98
C ASP A 33 50.00 20.17 -12.49
N ILE A 34 50.80 19.14 -12.18
CA ILE A 34 50.26 17.85 -11.74
C ILE A 34 49.31 18.03 -10.56
N ARG A 35 49.63 18.93 -9.63
CA ARG A 35 48.71 19.21 -8.53
C ARG A 35 47.40 19.81 -9.03
N TYR A 36 47.50 20.82 -9.89
CA TYR A 36 46.31 21.53 -10.35
C TYR A 36 45.33 20.60 -11.05
N LEU A 37 45.83 19.81 -12.03
CA LEU A 37 44.95 18.93 -12.79
C LEU A 37 44.24 17.92 -11.88
N LEU A 38 44.91 17.49 -10.81
CA LEU A 38 44.34 16.45 -9.95
C LEU A 38 43.55 17.00 -8.77
N GLY A 39 43.76 18.27 -8.41
CA GLY A 39 42.99 18.92 -7.38
C GLY A 39 41.88 19.77 -7.93
N TYR A 40 41.70 19.77 -9.25
CA TYR A 40 40.63 20.52 -9.88
C TYR A 40 39.28 19.89 -9.57
N VAL A 41 38.29 20.73 -9.29
CA VAL A 41 36.91 20.29 -9.06
C VAL A 41 36.09 20.62 -10.28
N SER A 42 35.38 19.62 -10.80
CA SER A 42 34.62 19.74 -12.04
C SER A 42 33.14 19.56 -11.73
N GLN A 43 32.31 20.30 -12.45
CA GLN A 43 30.86 20.32 -12.24
C GLN A 43 30.17 19.62 -13.41
N GLN A 44 30.06 18.30 -13.31
CA GLN A 44 29.33 17.51 -14.29
C GLN A 44 27.88 17.44 -13.85
N GLY A 45 27.07 18.38 -14.32
CA GLY A 45 25.71 18.50 -13.81
C GLY A 45 25.72 18.89 -12.34
N GLY A 46 24.95 18.15 -11.55
CA GLY A 46 24.95 18.38 -10.11
C GLY A 46 26.23 17.95 -9.45
N GLN A 47 26.85 16.89 -9.96
CA GLN A 47 28.05 16.30 -9.36
C GLN A 47 29.24 17.24 -9.49
N ARG A 48 29.92 17.48 -8.37
CA ARG A 48 31.14 18.28 -8.30
C ARG A 48 32.25 17.43 -7.70
N SER A 49 33.18 16.97 -8.54
CA SER A 49 34.19 16.02 -8.08
C SER A 49 35.56 16.35 -8.68
N THR A 50 36.55 15.54 -8.27
CA THR A 50 37.99 15.38 -8.46
C THR A 50 38.30 14.14 -9.31
N PRO A 51 39.36 14.14 -10.12
CA PRO A 51 39.73 12.90 -10.84
C PRO A 51 39.82 11.67 -9.94
N LEU A 52 40.44 11.79 -8.76
CA LEU A 52 40.48 10.67 -7.83
C LEU A 52 39.08 10.23 -7.41
N ILE A 53 38.21 11.19 -7.09
CA ILE A 53 36.90 10.86 -6.56
C ILE A 53 36.06 10.14 -7.61
N ILE A 54 35.99 10.71 -8.81
CA ILE A 54 35.11 10.15 -9.83
C ILE A 54 35.56 8.75 -10.23
N ALA A 55 36.87 8.49 -10.20
CA ALA A 55 37.37 7.14 -10.49
C ALA A 55 36.90 6.16 -9.42
N ALA A 56 37.05 6.52 -8.14
CA ALA A 56 36.59 5.65 -7.07
C ALA A 56 35.09 5.49 -7.10
N ARG A 57 34.37 6.48 -7.62
CA ARG A 57 32.93 6.38 -7.75
C ARG A 57 32.54 5.36 -8.82
N ASN A 58 33.26 5.38 -9.95
CA ASN A 58 32.97 4.48 -11.06
C ASN A 58 33.73 3.17 -11.00
N GLY A 59 34.45 2.90 -9.90
CA GLY A 59 35.10 1.62 -9.72
C GLY A 59 36.27 1.34 -10.64
N HIS A 60 36.93 2.39 -11.14
CA HIS A 60 38.08 2.24 -12.02
C HIS A 60 39.34 2.10 -11.15
N ALA A 61 39.57 0.89 -10.67
CA ALA A 61 40.69 0.64 -9.77
C ALA A 61 42.02 0.96 -10.44
N LYS A 62 42.10 0.87 -11.77
CA LYS A 62 43.36 1.13 -12.46
C LYS A 62 43.76 2.58 -12.30
N VAL A 63 42.86 3.50 -12.62
CA VAL A 63 43.12 4.93 -12.41
C VAL A 63 43.37 5.23 -10.93
N VAL A 64 42.68 4.54 -10.03
CA VAL A 64 42.81 4.83 -8.60
C VAL A 64 44.21 4.44 -8.11
N ARG A 65 44.66 3.23 -8.46
CA ARG A 65 46.01 2.79 -8.09
C ARG A 65 47.07 3.79 -8.57
N LEU A 66 46.97 4.21 -9.83
CA LEU A 66 47.95 5.13 -10.39
C LEU A 66 47.96 6.47 -9.66
N LEU A 67 46.77 7.04 -9.45
CA LEU A 67 46.70 8.36 -8.81
C LEU A 67 47.26 8.33 -7.40
N LEU A 68 47.16 7.19 -6.72
CA LEU A 68 47.63 7.06 -5.34
C LEU A 68 49.12 6.74 -5.28
N GLU A 69 49.56 5.77 -6.07
CA GLU A 69 50.96 5.34 -6.03
C GLU A 69 51.90 6.33 -6.72
N HIS A 70 51.85 6.41 -8.05
CA HIS A 70 52.81 7.21 -8.81
C HIS A 70 52.67 8.70 -8.54
N TYR A 71 51.45 9.23 -8.52
CA TYR A 71 51.26 10.67 -8.41
C TYR A 71 50.84 11.10 -7.02
N ARG A 72 50.93 10.22 -6.02
CA ARG A 72 50.66 10.52 -4.61
C ARG A 72 49.55 11.54 -4.44
N VAL A 73 48.33 11.20 -4.83
CA VAL A 73 47.21 12.12 -4.72
C VAL A 73 46.63 12.02 -3.32
N GLN A 74 46.08 13.14 -2.84
CA GLN A 74 45.58 13.22 -1.48
C GLN A 74 44.20 12.57 -1.37
N THR A 75 44.04 11.67 -0.40
CA THR A 75 42.78 10.96 -0.22
C THR A 75 41.72 11.80 0.50
N GLN A 76 42.13 12.90 1.12
CA GLN A 76 41.24 13.77 1.88
C GLN A 76 40.31 14.59 1.00
N GLN A 77 40.59 14.64 -0.30
CA GLN A 77 39.81 15.46 -1.23
C GLN A 77 38.32 15.15 -1.15
N THR A 78 37.52 16.20 -1.13
CA THR A 78 36.08 16.12 -0.91
C THR A 78 35.36 16.64 -2.15
N GLY A 79 34.17 16.10 -2.39
CA GLY A 79 33.35 16.54 -3.50
C GLY A 79 31.89 16.32 -3.18
N THR A 80 31.04 16.72 -4.12
CA THR A 80 29.59 16.55 -4.02
C THR A 80 29.18 15.58 -5.12
N VAL A 81 28.79 14.36 -4.74
CA VAL A 81 28.52 13.29 -5.70
C VAL A 81 27.02 13.02 -5.78
N ARG A 82 26.59 12.56 -6.96
CA ARG A 82 25.19 12.24 -7.22
C ARG A 82 25.03 10.72 -7.14
N PHE A 83 24.32 10.27 -6.10
CA PHE A 83 23.91 8.87 -5.96
C PHE A 83 22.40 8.81 -6.07
N ASP A 84 21.89 8.01 -7.01
CA ASP A 84 20.45 7.94 -7.30
C ASP A 84 20.10 9.32 -7.88
N GLY A 85 19.11 10.02 -7.35
CA GLY A 85 18.86 11.37 -7.82
C GLY A 85 19.30 12.39 -6.80
N TYR A 86 19.55 11.93 -5.58
CA TYR A 86 19.92 12.81 -4.49
C TYR A 86 21.43 13.08 -4.54
N VAL A 87 21.82 14.27 -4.12
CA VAL A 87 23.20 14.70 -4.14
C VAL A 87 23.76 14.66 -2.73
N ILE A 88 24.87 13.95 -2.55
CA ILE A 88 25.54 13.84 -1.26
C ILE A 88 26.75 14.76 -1.27
N ASP A 89 26.84 15.62 -0.26
CA ASP A 89 27.93 16.58 -0.13
C ASP A 89 28.94 16.13 0.91
N GLY A 90 30.17 16.61 0.76
CA GLY A 90 31.21 16.26 1.70
C GLY A 90 31.71 14.84 1.57
N ALA A 91 31.72 14.30 0.35
CA ALA A 91 32.09 12.92 0.09
C ALA A 91 33.56 12.82 -0.31
N THR A 92 34.21 11.76 0.14
CA THR A 92 35.58 11.44 -0.23
C THR A 92 35.58 10.17 -1.07
N ALA A 93 36.67 9.97 -1.81
CA ALA A 93 36.76 8.82 -2.70
C ALA A 93 36.46 7.51 -1.96
N LEU A 94 36.89 7.41 -0.71
CA LEU A 94 36.51 6.26 0.11
C LEU A 94 35.00 6.15 0.26
N TRP A 95 34.31 7.28 0.44
CA TRP A 95 32.86 7.23 0.67
C TRP A 95 32.12 6.79 -0.60
N CYS A 96 32.48 7.37 -1.74
CA CYS A 96 31.83 6.98 -3.00
C CYS A 96 32.05 5.51 -3.29
N ALA A 97 33.31 5.06 -3.18
CA ALA A 97 33.63 3.66 -3.42
C ALA A 97 32.81 2.74 -2.51
N ALA A 98 32.60 3.15 -1.26
CA ALA A 98 31.78 2.36 -0.35
C ALA A 98 30.32 2.34 -0.78
N GLY A 99 29.78 3.49 -1.18
CA GLY A 99 28.38 3.54 -1.57
C GLY A 99 28.11 2.85 -2.89
N ALA A 100 29.11 2.79 -3.77
CA ALA A 100 28.94 2.13 -5.05
C ALA A 100 29.38 0.67 -5.04
N GLY A 101 29.82 0.15 -3.89
CA GLY A 101 30.18 -1.26 -3.78
C GLY A 101 31.40 -1.70 -4.57
N HIS A 102 32.40 -0.83 -4.69
CA HIS A 102 33.64 -1.14 -5.41
C HIS A 102 34.67 -1.57 -4.37
N PHE A 103 34.64 -2.87 -4.03
CA PHE A 103 35.47 -3.38 -2.94
C PHE A 103 36.97 -3.12 -3.16
N GLU A 104 37.48 -3.44 -4.36
CA GLU A 104 38.91 -3.27 -4.62
C GLU A 104 39.34 -1.81 -4.49
N VAL A 105 38.52 -0.88 -4.99
CA VAL A 105 38.85 0.53 -4.85
C VAL A 105 38.84 0.94 -3.39
N VAL A 106 37.90 0.39 -2.60
CA VAL A 106 37.87 0.67 -1.17
C VAL A 106 39.19 0.22 -0.52
N LYS A 107 39.55 -1.04 -0.75
CA LYS A 107 40.83 -1.56 -0.24
C LYS A 107 41.99 -0.68 -0.67
N LEU A 108 42.02 -0.28 -1.95
CA LEU A 108 43.09 0.59 -2.43
C LEU A 108 43.16 1.87 -1.62
N LEU A 109 42.01 2.52 -1.40
CA LEU A 109 42.00 3.77 -0.64
C LEU A 109 42.40 3.53 0.81
N VAL A 110 41.82 2.52 1.45
CA VAL A 110 42.19 2.20 2.82
C VAL A 110 43.66 1.81 2.91
N SER A 111 44.13 0.97 1.98
CA SER A 111 45.53 0.54 1.99
C SER A 111 46.47 1.73 1.89
N HIS A 112 46.12 2.71 1.05
CA HIS A 112 46.95 3.90 0.85
C HIS A 112 46.69 4.97 1.90
N GLY A 113 45.91 4.66 2.93
CA GLY A 113 45.77 5.51 4.08
C GLY A 113 44.57 6.44 4.11
N ALA A 114 43.44 6.05 3.52
CA ALA A 114 42.27 6.91 3.54
C ALA A 114 41.53 6.79 4.86
N ASN A 115 40.93 7.90 5.30
CA ASN A 115 40.21 7.94 6.56
C ASN A 115 38.89 7.18 6.46
N VAL A 116 38.80 6.04 7.17
CA VAL A 116 37.60 5.20 7.11
C VAL A 116 36.45 5.86 7.85
N ASN A 117 36.75 6.77 8.78
CA ASN A 117 35.76 7.44 9.60
C ASN A 117 35.51 8.89 9.18
N HIS A 118 35.87 9.25 7.94
CA HIS A 118 35.56 10.58 7.44
C HIS A 118 34.05 10.77 7.38
N THR A 119 33.60 11.93 7.85
CA THR A 119 32.18 12.20 7.95
C THR A 119 31.75 13.08 6.78
N THR A 120 30.61 12.75 6.18
CA THR A 120 30.07 13.58 5.11
C THR A 120 29.48 14.84 5.75
N VAL A 121 28.77 15.65 4.97
CA VAL A 121 28.16 16.84 5.54
C VAL A 121 27.10 16.45 6.57
N THR A 122 26.35 15.39 6.30
CA THR A 122 25.34 14.86 7.20
C THR A 122 25.88 13.82 8.17
N ASN A 123 27.20 13.72 8.32
CA ASN A 123 27.85 12.71 9.16
C ASN A 123 27.46 11.28 8.75
N SER A 124 27.43 11.02 7.44
CA SER A 124 27.33 9.66 6.94
C SER A 124 28.74 9.14 6.75
N THR A 125 29.12 8.14 7.53
CA THR A 125 30.44 7.56 7.40
C THR A 125 30.48 6.65 6.16
N PRO A 126 31.67 6.44 5.56
CA PRO A 126 31.76 5.46 4.47
C PRO A 126 31.22 4.11 4.86
N LEU A 127 31.32 3.75 6.14
CA LEU A 127 30.68 2.52 6.61
C LEU A 127 29.16 2.57 6.42
N ARG A 128 28.54 3.73 6.63
CA ARG A 128 27.10 3.85 6.44
C ARG A 128 26.71 3.63 4.98
N ALA A 129 27.49 4.19 4.05
CA ALA A 129 27.24 3.98 2.64
C ALA A 129 27.18 2.50 2.30
N ALA A 130 28.12 1.72 2.83
CA ALA A 130 28.16 0.29 2.58
C ALA A 130 27.03 -0.46 3.28
N CYS A 131 26.51 0.09 4.38
CA CYS A 131 25.37 -0.54 5.02
C CYS A 131 24.08 -0.23 4.28
N PHE A 132 23.97 0.97 3.71
CA PHE A 132 22.89 1.26 2.77
C PHE A 132 22.97 0.33 1.57
N ASP A 133 24.17 0.18 1.01
CA ASP A 133 24.33 -0.65 -0.19
C ASP A 133 24.27 -2.13 0.11
N GLY A 134 24.81 -2.56 1.24
CA GLY A 134 24.67 -3.95 1.66
C GLY A 134 25.79 -4.87 1.23
N ARG A 135 26.99 -4.35 1.00
CA ARG A 135 28.14 -5.16 0.61
C ARG A 135 28.86 -5.58 1.88
N LEU A 136 28.57 -6.80 2.35
CA LEU A 136 29.16 -7.28 3.60
C LEU A 136 30.69 -7.32 3.55
N ASP A 137 31.27 -7.72 2.40
CA ASP A 137 32.72 -7.73 2.28
C ASP A 137 33.33 -6.36 2.58
N ILE A 138 32.76 -5.29 2.01
CA ILE A 138 33.26 -3.95 2.35
C ILE A 138 32.95 -3.62 3.80
N VAL A 139 31.70 -3.84 4.23
CA VAL A 139 31.31 -3.59 5.62
C VAL A 139 32.30 -4.23 6.58
N LYS A 140 32.60 -5.52 6.37
CA LYS A 140 33.57 -6.21 7.20
C LYS A 140 34.93 -5.51 7.12
N TYR A 141 35.43 -5.32 5.90
CA TYR A 141 36.74 -4.71 5.70
C TYR A 141 36.86 -3.35 6.39
N LEU A 142 35.83 -2.51 6.27
CA LEU A 142 35.90 -1.18 6.89
C LEU A 142 36.00 -1.27 8.41
N VAL A 143 35.12 -2.06 9.03
CA VAL A 143 35.15 -2.17 10.49
C VAL A 143 36.44 -2.84 10.95
N GLU A 144 36.93 -3.82 10.18
CA GLU A 144 38.21 -4.44 10.54
C GLU A 144 39.33 -3.43 10.49
N ASN A 145 39.20 -2.40 9.65
CA ASN A 145 40.16 -1.31 9.56
C ASN A 145 39.74 -0.12 10.40
N ASN A 146 39.04 -0.38 11.51
CA ASN A 146 38.74 0.58 12.57
C ASN A 146 37.70 1.62 12.20
N ALA A 147 36.87 1.39 11.16
CA ALA A 147 35.72 2.24 10.95
C ALA A 147 34.75 2.11 12.12
N ASN A 148 34.21 3.24 12.57
CA ASN A 148 33.41 3.26 13.79
C ASN A 148 31.93 3.08 13.47
N ILE A 149 31.30 2.10 14.13
CA ILE A 149 29.89 1.82 13.90
C ILE A 149 29.00 2.83 14.61
N SER A 150 29.51 3.48 15.66
CA SER A 150 28.66 4.39 16.44
C SER A 150 28.44 5.72 15.76
N ILE A 151 29.21 6.05 14.71
CA ILE A 151 29.05 7.33 14.02
C ILE A 151 27.73 7.28 13.25
N ALA A 152 26.75 8.04 13.72
CA ALA A 152 25.39 8.01 13.19
C ALA A 152 25.14 9.19 12.26
N ASN A 153 23.91 9.28 11.78
CA ASN A 153 23.51 10.29 10.81
C ASN A 153 23.46 11.69 11.39
N LYS A 154 22.94 12.64 10.60
CA LYS A 154 22.51 13.92 11.15
C LYS A 154 21.43 13.70 12.20
N TYR A 155 20.59 12.69 11.98
CA TYR A 155 19.38 12.44 12.75
C TYR A 155 19.56 11.23 13.67
N ASP A 156 20.81 10.80 13.87
CA ASP A 156 21.13 9.65 14.72
C ASP A 156 20.52 8.36 14.16
N ASN A 157 20.77 8.14 12.86
CA ASN A 157 20.38 6.92 12.15
C ASN A 157 21.62 6.04 12.03
N THR A 158 21.73 5.05 12.92
CA THR A 158 22.91 4.20 12.95
C THR A 158 23.05 3.42 11.65
N CYS A 159 24.27 2.89 11.44
CA CYS A 159 24.49 1.97 10.33
C CYS A 159 23.65 0.71 10.49
N LEU A 160 23.44 0.29 11.74
CA LEU A 160 22.51 -0.81 12.03
C LEU A 160 21.10 -0.48 11.56
N MET A 161 20.63 0.74 11.86
CA MET A 161 19.26 1.11 11.53
C MET A 161 19.02 1.04 10.02
N ILE A 162 19.87 1.70 9.24
CA ILE A 162 19.65 1.75 7.79
C ILE A 162 19.75 0.35 7.19
N ALA A 163 20.69 -0.47 7.69
CA ALA A 163 20.80 -1.83 7.19
C ALA A 163 19.56 -2.65 7.52
N ALA A 164 19.02 -2.49 8.73
CA ALA A 164 17.75 -3.13 9.08
C ALA A 164 16.62 -2.63 8.19
N TYR A 165 16.66 -1.34 7.82
CA TYR A 165 15.63 -0.80 6.95
C TYR A 165 15.75 -1.37 5.53
N LYS A 166 16.97 -1.43 5.01
CA LYS A 166 17.20 -1.87 3.64
C LYS A 166 17.23 -3.39 3.51
N GLY A 167 16.91 -4.12 4.58
CA GLY A 167 16.76 -5.56 4.52
C GLY A 167 18.04 -6.36 4.33
N HIS A 168 19.17 -5.87 4.80
CA HIS A 168 20.45 -6.57 4.66
C HIS A 168 20.69 -7.44 5.90
N THR A 169 19.99 -8.58 5.96
CA THR A 169 20.12 -9.50 7.09
C THR A 169 21.59 -9.84 7.39
N ASP A 170 22.40 -10.01 6.34
CA ASP A 170 23.80 -10.39 6.53
C ASP A 170 24.59 -9.32 7.28
N VAL A 171 24.56 -8.06 6.81
CA VAL A 171 25.34 -7.04 7.49
C VAL A 171 24.74 -6.73 8.86
N VAL A 172 23.41 -6.82 8.99
CA VAL A 172 22.76 -6.54 10.27
C VAL A 172 23.28 -7.49 11.33
N ARG A 173 23.31 -8.79 11.03
CA ARG A 173 23.88 -9.76 11.97
C ARG A 173 25.34 -9.42 12.26
N TYR A 174 26.12 -9.16 11.20
CA TYR A 174 27.53 -8.82 11.39
C TYR A 174 27.66 -7.61 12.29
N LEU A 175 26.91 -6.54 12.02
CA LEU A 175 27.01 -5.37 12.88
C LEU A 175 26.64 -5.72 14.31
N LEU A 176 25.74 -6.68 14.50
CA LEU A 176 25.35 -7.14 15.83
C LEU A 176 26.39 -8.09 16.45
N GLU A 177 27.13 -8.83 15.62
CA GLU A 177 28.28 -9.57 16.13
C GLU A 177 29.50 -8.70 16.37
N GLN A 178 29.41 -7.40 16.10
CA GLN A 178 30.47 -6.47 16.43
C GLN A 178 30.04 -5.56 17.57
N ARG A 179 29.10 -6.05 18.37
CA ARG A 179 28.54 -5.35 19.53
C ARG A 179 28.12 -3.93 19.12
N ALA A 180 27.08 -3.90 18.30
CA ALA A 180 26.41 -2.65 17.93
C ALA A 180 25.17 -2.50 18.79
N ASP A 181 25.02 -1.35 19.41
CA ASP A 181 23.95 -1.10 20.35
C ASP A 181 22.60 -1.09 19.66
N PRO A 182 21.75 -2.11 19.85
CA PRO A 182 20.50 -2.18 19.09
C PRO A 182 19.41 -1.27 19.63
N ASN A 183 19.60 -0.75 20.85
CA ASN A 183 18.64 0.12 21.49
C ASN A 183 18.90 1.58 21.21
N ALA A 184 19.81 1.88 20.29
CA ALA A 184 20.05 3.25 19.91
C ALA A 184 18.83 3.78 19.15
N LYS A 185 18.49 5.04 19.40
CA LYS A 185 17.30 5.63 18.82
C LYS A 185 17.70 6.88 18.05
N ALA A 186 16.74 7.42 17.33
CA ALA A 186 16.98 8.50 16.40
C ALA A 186 16.13 9.71 16.78
N HIS A 187 16.29 10.77 15.99
CA HIS A 187 15.46 11.95 16.17
C HIS A 187 14.00 11.57 16.04
N CYS A 188 13.70 10.75 15.04
CA CYS A 188 12.38 10.16 14.87
C CYS A 188 11.94 9.38 16.11
N GLY A 189 12.90 8.99 16.97
CA GLY A 189 12.62 8.13 18.09
C GLY A 189 12.60 6.65 17.77
N ALA A 190 13.29 6.24 16.71
CA ALA A 190 13.13 4.91 16.16
C ALA A 190 14.38 4.08 16.39
N THR A 191 14.17 2.81 16.71
CA THR A 191 15.19 1.79 16.81
C THR A 191 15.28 0.99 15.53
N ALA A 192 16.36 0.21 15.40
CA ALA A 192 16.49 -0.70 14.27
C ALA A 192 15.33 -1.68 14.21
N LEU A 193 14.77 -2.07 15.36
CA LEU A 193 13.60 -2.93 15.37
C LEU A 193 12.36 -2.22 14.84
N HIS A 194 12.30 -0.90 15.01
CA HIS A 194 11.19 -0.13 14.43
C HIS A 194 11.26 -0.17 12.91
N PHE A 195 12.44 0.08 12.35
CA PHE A 195 12.60 0.11 10.90
C PHE A 195 12.36 -1.27 10.29
N ALA A 196 12.89 -2.31 10.94
CA ALA A 196 12.68 -3.68 10.46
C ALA A 196 11.22 -4.06 10.52
N ALA A 197 10.52 -3.71 11.61
CA ALA A 197 9.12 -4.08 11.75
C ALA A 197 8.26 -3.38 10.71
N GLU A 198 8.48 -2.09 10.48
CA GLU A 198 7.73 -1.40 9.43
C GLU A 198 8.02 -2.02 8.07
N ALA A 199 9.29 -2.33 7.79
CA ALA A 199 9.68 -2.93 6.52
C ALA A 199 9.45 -4.43 6.48
N GLY A 200 9.03 -5.04 7.59
CA GLY A 200 8.69 -6.47 7.61
C GLY A 200 9.83 -7.40 7.29
N HIS A 201 11.06 -7.06 7.68
CA HIS A 201 12.22 -7.94 7.49
C HIS A 201 12.30 -8.89 8.68
N ILE A 202 11.54 -9.98 8.60
CA ILE A 202 11.37 -10.89 9.73
C ILE A 202 12.71 -11.48 10.17
N ASP A 203 13.61 -11.74 9.21
CA ASP A 203 14.91 -12.30 9.57
C ASP A 203 15.71 -11.32 10.43
N ILE A 204 15.67 -10.04 10.08
CA ILE A 204 16.37 -9.04 10.87
C ILE A 204 15.66 -8.84 12.21
N VAL A 205 14.33 -8.88 12.20
CA VAL A 205 13.58 -8.75 13.44
C VAL A 205 13.95 -9.88 14.41
N LYS A 206 14.10 -11.10 13.88
CA LYS A 206 14.63 -12.19 14.70
C LYS A 206 16.03 -11.90 15.17
N GLU A 207 16.89 -11.39 14.28
CA GLU A 207 18.27 -11.11 14.67
C GLU A 207 18.32 -10.05 15.74
N LEU A 208 17.49 -9.01 15.62
CA LEU A 208 17.47 -7.98 16.66
C LEU A 208 16.88 -8.50 17.97
N ILE A 209 16.24 -9.67 17.93
CA ILE A 209 15.65 -10.22 19.14
C ILE A 209 16.70 -11.02 19.89
N LYS A 210 17.38 -11.91 19.17
CA LYS A 210 18.49 -12.71 19.68
C LYS A 210 19.46 -11.82 20.44
N TRP A 211 19.60 -10.58 19.99
CA TRP A 211 20.56 -9.63 20.55
C TRP A 211 19.88 -8.70 21.55
N ARG A 212 18.82 -9.21 22.16
CA ARG A 212 18.01 -8.60 23.20
C ARG A 212 17.81 -7.11 22.99
N ALA A 213 17.05 -6.75 21.95
CA ALA A 213 16.79 -5.36 21.67
C ALA A 213 15.64 -4.89 22.54
N ALA A 214 15.73 -3.65 23.01
CA ALA A 214 14.68 -3.13 23.87
C ALA A 214 13.45 -2.74 23.06
N ILE A 215 12.28 -3.01 23.62
CA ILE A 215 11.02 -2.61 23.01
C ILE A 215 10.78 -1.16 23.43
N VAL A 216 11.14 -0.22 22.55
CA VAL A 216 11.00 1.19 22.84
C VAL A 216 9.93 1.78 21.92
N VAL A 217 9.56 3.02 22.21
CA VAL A 217 8.48 3.72 21.53
C VAL A 217 9.05 4.91 20.76
N ASN A 218 8.55 5.12 19.54
CA ASN A 218 9.00 6.23 18.72
C ASN A 218 8.33 7.53 19.16
N GLY A 219 8.48 8.58 18.35
CA GLY A 219 7.91 9.89 18.63
C GLY A 219 6.46 10.00 18.20
N HIS A 220 5.76 8.86 18.17
CA HIS A 220 4.33 8.80 17.94
C HIS A 220 3.57 7.92 18.93
N GLY A 221 4.28 7.18 19.77
CA GLY A 221 3.65 6.26 20.70
C GLY A 221 3.57 4.85 20.18
N MET A 222 4.35 4.55 19.14
CA MET A 222 4.29 3.27 18.45
C MET A 222 5.44 2.36 18.88
N THR A 223 5.11 1.22 19.46
CA THR A 223 6.11 0.21 19.72
C THR A 223 6.49 -0.40 18.37
N PRO A 224 7.48 -1.29 18.32
CA PRO A 224 7.70 -2.02 17.06
C PRO A 224 6.53 -2.90 16.66
N LEU A 225 5.70 -3.32 17.62
CA LEU A 225 4.53 -4.12 17.27
C LEU A 225 3.39 -3.30 16.67
N LYS A 226 3.17 -2.09 17.20
CA LYS A 226 2.18 -1.23 16.57
C LYS A 226 2.65 -0.73 15.22
N VAL A 227 3.96 -0.51 15.07
CA VAL A 227 4.50 -0.14 13.76
C VAL A 227 4.27 -1.25 12.75
N ALA A 228 4.54 -2.50 13.15
CA ALA A 228 4.36 -3.62 12.23
C ALA A 228 2.90 -3.98 12.04
N ALA A 229 2.08 -3.83 13.09
CA ALA A 229 0.64 -4.01 12.94
C ALA A 229 0.05 -2.96 12.02
N GLU A 230 0.50 -1.72 12.16
CA GLU A 230 0.02 -0.65 11.29
C GLU A 230 0.54 -0.82 9.87
N SER A 231 1.78 -1.28 9.72
CA SER A 231 2.35 -1.53 8.40
C SER A 231 1.84 -2.83 7.76
N CYS A 232 0.87 -3.49 8.39
CA CYS A 232 0.25 -4.70 7.86
C CYS A 232 1.25 -5.81 7.59
N LYS A 233 2.28 -5.91 8.45
CA LYS A 233 3.29 -6.96 8.32
C LYS A 233 3.00 -8.07 9.34
N ALA A 234 1.93 -8.82 9.05
CA ALA A 234 1.43 -9.84 9.96
C ALA A 234 2.52 -10.81 10.41
N ASP A 235 3.45 -11.15 9.52
CA ASP A 235 4.56 -12.03 9.87
C ASP A 235 5.30 -11.55 11.11
N VAL A 236 5.77 -10.30 11.08
CA VAL A 236 6.54 -9.73 12.18
C VAL A 236 5.66 -9.48 13.40
N VAL A 237 4.33 -9.46 13.22
CA VAL A 237 3.44 -9.29 14.35
C VAL A 237 3.44 -10.55 15.22
N GLU A 238 3.29 -11.72 14.60
CA GLU A 238 3.26 -12.96 15.36
C GLU A 238 4.56 -13.18 16.11
N LEU A 239 5.70 -12.92 15.45
CA LEU A 239 6.99 -13.10 16.08
C LEU A 239 7.17 -12.16 17.26
N LEU A 240 6.94 -10.86 17.03
CA LEU A 240 7.06 -9.89 18.11
C LEU A 240 6.11 -10.21 19.26
N LEU A 241 4.90 -10.71 18.94
CA LEU A 241 3.98 -11.11 20.00
C LEU A 241 4.43 -12.38 20.70
N SER A 242 5.23 -13.21 20.03
CA SER A 242 5.76 -14.46 20.58
C SER A 242 6.86 -14.20 21.61
N HIS A 243 6.93 -12.98 22.14
CA HIS A 243 7.86 -12.65 23.22
C HIS A 243 7.19 -11.70 24.20
N ALA A 244 7.69 -10.48 24.26
CA ALA A 244 7.28 -9.52 25.28
C ALA A 244 6.37 -8.47 24.66
N ASP A 245 5.66 -7.77 25.55
CA ASP A 245 4.68 -6.74 25.19
C ASP A 245 3.90 -6.37 26.44
N CYS A 246 3.41 -5.13 26.52
CA CYS A 246 2.53 -4.77 27.62
C CYS A 246 1.26 -5.61 27.52
N ASP A 247 1.40 -6.92 27.72
CA ASP A 247 0.38 -7.95 27.52
C ASP A 247 -1.03 -7.52 27.90
N ARG A 248 -2.01 -8.10 27.20
CA ARG A 248 -3.45 -7.83 27.33
C ARG A 248 -3.76 -6.56 26.55
N ARG A 249 -3.49 -5.40 27.15
CA ARG A 249 -3.80 -4.12 26.54
C ARG A 249 -3.07 -3.94 25.21
N SER A 250 -1.73 -3.95 25.25
CA SER A 250 -0.93 -3.77 24.04
C SER A 250 -1.13 -4.90 23.05
N ARG A 251 -1.35 -6.12 23.54
CA ARG A 251 -1.50 -7.26 22.64
C ARG A 251 -2.78 -7.16 21.83
N ILE A 252 -3.89 -6.82 22.48
CA ILE A 252 -5.16 -6.65 21.77
C ILE A 252 -5.09 -5.44 20.82
N GLU A 253 -4.38 -4.39 21.23
CA GLU A 253 -4.31 -3.19 20.39
C GLU A 253 -3.48 -3.45 19.14
N ALA A 254 -2.48 -4.33 19.23
CA ALA A 254 -1.67 -4.69 18.07
C ALA A 254 -2.42 -5.66 17.15
N LEU A 255 -3.26 -6.52 17.72
CA LEU A 255 -4.10 -7.39 16.91
C LEU A 255 -5.23 -6.60 16.25
N GLU A 256 -5.76 -5.60 16.96
CA GLU A 256 -6.80 -4.78 16.38
C GLU A 256 -6.25 -3.88 15.29
N LEU A 257 -5.01 -3.41 15.46
CA LEU A 257 -4.36 -2.60 14.43
C LEU A 257 -4.03 -3.43 13.20
N LEU A 258 -3.53 -4.65 13.41
CA LEU A 258 -3.29 -5.53 12.27
C LEU A 258 -4.57 -5.77 11.47
N GLY A 259 -5.66 -6.11 12.17
CA GLY A 259 -6.91 -6.35 11.48
C GLY A 259 -7.42 -5.13 10.74
N ALA A 260 -7.27 -3.95 11.37
CA ALA A 260 -7.65 -2.70 10.71
C ALA A 260 -6.87 -2.48 9.43
N SER A 261 -5.56 -2.75 9.45
CA SER A 261 -4.73 -2.48 8.29
C SER A 261 -5.03 -3.40 7.12
N PHE A 262 -5.62 -4.57 7.36
CA PHE A 262 -5.98 -5.45 6.26
C PHE A 262 -7.16 -4.93 5.48
N ALA A 263 -7.85 -3.89 5.98
CA ALA A 263 -8.90 -3.22 5.24
C ALA A 263 -8.47 -1.89 4.65
N ASN A 264 -7.43 -1.26 5.22
CA ASN A 264 -6.98 0.05 4.78
C ASN A 264 -5.94 -0.05 3.67
N ASP A 265 -4.79 -0.67 3.96
CA ASP A 265 -3.69 -0.79 3.02
C ASP A 265 -4.15 -1.51 1.76
N ARG A 266 -4.25 -0.76 0.65
CA ARG A 266 -4.81 -1.30 -0.59
C ARG A 266 -3.88 -2.30 -1.28
N GLU A 267 -2.64 -2.46 -0.83
CA GLU A 267 -1.76 -3.46 -1.43
C GLU A 267 -2.09 -4.86 -0.93
N ASN A 268 -2.18 -5.03 0.39
CA ASN A 268 -2.43 -6.34 1.00
C ASN A 268 -3.84 -6.46 1.56
N TYR A 269 -4.81 -5.80 0.93
CA TYR A 269 -6.16 -5.70 1.48
C TYR A 269 -6.83 -7.06 1.46
N ASP A 270 -7.00 -7.65 2.65
CA ASP A 270 -7.74 -8.91 2.81
C ASP A 270 -8.70 -8.77 3.99
N ILE A 271 -10.00 -8.60 3.70
CA ILE A 271 -10.97 -8.47 4.77
C ILE A 271 -11.25 -9.79 5.49
N ILE A 272 -10.89 -10.93 4.90
CA ILE A 272 -10.90 -12.16 5.69
C ILE A 272 -9.83 -12.12 6.78
N LYS A 273 -8.63 -11.66 6.45
CA LYS A 273 -7.62 -11.41 7.48
C LYS A 273 -8.05 -10.32 8.44
N THR A 274 -8.94 -9.43 8.01
CA THR A 274 -9.48 -8.41 8.91
C THR A 274 -10.26 -9.05 10.05
N TYR A 275 -11.28 -9.83 9.71
CA TYR A 275 -12.13 -10.44 10.72
C TYR A 275 -11.35 -11.38 11.63
N HIS A 276 -10.32 -12.04 11.09
CA HIS A 276 -9.56 -13.00 11.87
C HIS A 276 -8.86 -12.32 13.03
N TYR A 277 -8.07 -11.28 12.73
CA TYR A 277 -7.35 -10.57 13.78
C TYR A 277 -8.29 -9.75 14.66
N LEU A 278 -9.31 -9.12 14.08
CA LEU A 278 -10.21 -8.29 14.89
C LEU A 278 -11.03 -9.14 15.85
N TYR A 279 -11.47 -10.32 15.40
CA TYR A 279 -12.25 -11.19 16.29
C TYR A 279 -11.35 -11.84 17.34
N LEU A 280 -10.12 -12.19 16.96
CA LEU A 280 -9.15 -12.69 17.94
C LEU A 280 -8.93 -11.68 19.06
N ALA A 281 -8.90 -10.39 18.71
CA ALA A 281 -8.71 -9.33 19.70
C ALA A 281 -9.88 -9.29 20.67
N MET A 282 -11.11 -9.27 20.14
CA MET A 282 -12.30 -9.23 20.99
C MET A 282 -12.35 -10.41 21.94
N LEU A 283 -11.99 -11.60 21.46
CA LEU A 283 -12.03 -12.79 22.30
C LEU A 283 -11.05 -12.68 23.47
N GLU A 284 -9.84 -12.17 23.21
CA GLU A 284 -8.87 -11.98 24.28
C GLU A 284 -9.35 -10.93 25.28
N ARG A 285 -10.15 -9.96 24.82
CA ARG A 285 -10.75 -8.96 25.69
C ARG A 285 -11.74 -9.55 26.69
N PHE A 286 -12.16 -10.80 26.50
CA PHE A 286 -13.22 -11.38 27.31
C PHE A 286 -12.73 -12.56 28.12
N GLN A 287 -11.57 -12.42 28.78
CA GLN A 287 -11.04 -13.47 29.63
C GLN A 287 -11.62 -13.43 31.04
N ASP A 288 -11.62 -12.27 31.69
CA ASP A 288 -12.19 -12.14 33.02
C ASP A 288 -13.65 -11.73 32.99
N GLY A 289 -14.27 -11.73 31.82
CA GLY A 289 -15.68 -11.44 31.69
C GLY A 289 -16.54 -12.69 31.62
N ILE A 292 -13.73 -8.55 30.91
CA ILE A 292 -14.31 -7.25 31.15
C ILE A 292 -13.32 -6.18 30.72
N LEU A 293 -12.97 -6.14 29.44
CA LEU A 293 -11.89 -5.27 28.96
C LEU A 293 -12.46 -4.20 28.03
N GLU A 294 -12.97 -3.13 28.64
CA GLU A 294 -13.04 -1.76 28.12
C GLU A 294 -13.01 -1.62 26.60
N LYS A 295 -14.15 -1.33 25.97
CA LYS A 295 -14.22 -0.98 24.55
C LYS A 295 -14.56 0.50 24.47
N GLU A 296 -13.52 1.33 24.34
CA GLU A 296 -13.65 2.78 24.50
C GLU A 296 -14.11 3.42 23.20
N VAL A 297 -15.30 3.01 22.74
CA VAL A 297 -15.76 3.38 21.41
C VAL A 297 -16.10 4.87 21.39
N LEU A 298 -15.95 5.48 20.21
CA LEU A 298 -16.21 6.88 19.90
C LEU A 298 -17.51 7.02 19.13
N PRO A 299 -18.17 8.17 19.25
CA PRO A 299 -19.48 8.38 18.62
C PRO A 299 -19.39 8.38 17.12
N PRO A 300 -20.51 8.17 16.42
CA PRO A 300 -20.47 8.10 14.96
C PRO A 300 -20.00 9.42 14.37
N ILE A 301 -19.40 9.32 13.18
CA ILE A 301 -18.96 10.47 12.40
C ILE A 301 -19.71 10.43 11.08
N HIS A 302 -19.63 11.52 10.33
CA HIS A 302 -20.29 11.57 9.02
C HIS A 302 -19.50 10.75 8.00
N ALA A 303 -18.18 10.73 8.13
CA ALA A 303 -17.42 9.71 7.44
C ALA A 303 -17.57 8.41 8.21
N TYR A 304 -17.15 7.31 7.59
CA TYR A 304 -17.32 5.98 8.14
C TYR A 304 -18.80 5.64 8.32
N GLY A 305 -19.64 6.08 7.39
CA GLY A 305 -21.07 5.84 7.61
C GLY A 305 -21.50 6.53 8.89
N ASN A 306 -22.44 5.91 9.61
CA ASN A 306 -22.78 6.28 10.98
C ASN A 306 -22.62 5.11 11.93
N ARG A 307 -22.00 4.02 11.47
CA ARG A 307 -21.79 2.83 12.29
C ARG A 307 -20.98 3.17 13.53
N THR A 308 -21.05 2.27 14.51
CA THR A 308 -20.28 2.40 15.74
C THR A 308 -19.54 1.09 15.97
N GLU A 309 -18.24 1.20 16.24
CA GLU A 309 -17.37 0.04 16.39
C GLU A 309 -17.97 -0.97 17.36
N CYS A 310 -17.97 -2.25 16.95
CA CYS A 310 -18.51 -3.31 17.80
C CYS A 310 -17.83 -3.33 19.15
N ARG A 311 -18.61 -3.52 20.21
CA ARG A 311 -18.07 -3.81 21.52
C ARG A 311 -18.31 -5.25 21.96
N ASN A 312 -19.30 -5.92 21.39
CA ASN A 312 -19.62 -7.29 21.76
C ASN A 312 -19.14 -8.29 20.72
N PRO A 313 -18.66 -9.45 21.15
CA PRO A 313 -18.27 -10.50 20.19
C PRO A 313 -19.44 -10.99 19.37
N GLN A 314 -20.66 -10.73 19.83
CA GLN A 314 -21.85 -11.02 19.03
C GLN A 314 -22.09 -9.89 18.02
N GLU A 315 -21.71 -8.66 18.36
CA GLU A 315 -21.76 -7.59 17.39
C GLU A 315 -20.81 -7.88 16.23
N LEU A 316 -19.59 -8.35 16.55
CA LEU A 316 -18.63 -8.67 15.50
C LEU A 316 -19.07 -9.89 14.70
N GLU A 317 -19.60 -10.92 15.37
CA GLU A 317 -20.02 -12.11 14.65
C GLU A 317 -21.10 -11.82 13.62
N SER A 318 -21.78 -10.68 13.73
CA SER A 318 -22.94 -10.37 12.91
C SER A 318 -22.58 -9.60 11.66
N ILE A 319 -21.29 -9.28 11.47
CA ILE A 319 -20.81 -8.60 10.28
C ILE A 319 -19.66 -9.42 9.69
N ARG A 320 -19.57 -10.69 10.08
CA ARG A 320 -18.54 -11.57 9.54
C ARG A 320 -18.79 -11.85 8.06
N GLN A 321 -20.04 -11.77 7.63
CA GLN A 321 -20.43 -11.99 6.25
C GLN A 321 -20.89 -10.71 5.58
N ASP A 322 -20.48 -9.55 6.09
CA ASP A 322 -20.73 -8.26 5.46
C ASP A 322 -19.37 -7.66 5.09
N ARG A 323 -19.07 -7.66 3.78
CA ARG A 323 -17.79 -7.14 3.33
C ARG A 323 -17.70 -5.64 3.53
N ASP A 324 -18.77 -4.91 3.23
CA ASP A 324 -18.73 -3.46 3.36
C ASP A 324 -18.70 -3.02 4.82
N ALA A 325 -19.50 -3.65 5.69
CA ALA A 325 -19.45 -3.29 7.10
C ALA A 325 -18.10 -3.56 7.72
N LEU A 326 -17.47 -4.68 7.33
CA LEU A 326 -16.16 -5.01 7.90
C LEU A 326 -15.09 -4.03 7.44
N HIS A 327 -15.16 -3.58 6.19
CA HIS A 327 -14.23 -2.57 5.70
C HIS A 327 -14.31 -1.32 6.56
N MET A 328 -15.48 -0.69 6.59
CA MET A 328 -15.68 0.52 7.39
C MET A 328 -15.30 0.31 8.85
N GLU A 329 -15.51 -0.90 9.37
CA GLU A 329 -15.12 -1.16 10.75
C GLU A 329 -13.61 -1.07 10.93
N GLY A 330 -12.85 -1.56 9.95
CA GLY A 330 -11.40 -1.41 9.98
C GLY A 330 -10.96 0.04 9.97
N LEU A 331 -11.73 0.92 9.32
CA LEU A 331 -11.41 2.35 9.37
C LEU A 331 -11.72 2.92 10.75
N ILE A 332 -12.85 2.52 11.33
CA ILE A 332 -13.19 2.96 12.69
C ILE A 332 -12.14 2.49 13.68
N VAL A 333 -11.72 1.23 13.58
CA VAL A 333 -10.70 0.69 14.48
C VAL A 333 -9.43 1.52 14.41
N ARG A 334 -8.91 1.73 13.19
CA ARG A 334 -7.72 2.56 13.03
C ARG A 334 -7.90 3.93 13.65
N GLU A 335 -9.09 4.51 13.52
CA GLU A 335 -9.32 5.85 14.05
C GLU A 335 -9.14 5.89 15.57
N ARG A 336 -9.65 4.89 16.27
CA ARG A 336 -9.51 4.86 17.73
C ARG A 336 -8.03 4.77 18.13
N ILE A 337 -7.33 3.75 17.62
CA ILE A 337 -5.97 3.50 18.05
C ILE A 337 -4.99 4.59 17.61
N LEU A 338 -5.30 5.35 16.54
CA LEU A 338 -4.35 6.31 16.00
C LEU A 338 -4.88 7.74 15.93
N GLY A 339 -6.18 7.95 15.73
CA GLY A 339 -6.71 9.30 15.63
C GLY A 339 -6.31 10.03 14.36
N HIS B 2 -36.79 -41.69 7.26
CA HIS B 2 -36.05 -42.30 6.17
C HIS B 2 -36.08 -41.45 4.91
N MET B 3 -37.06 -40.54 4.84
CA MET B 3 -37.21 -39.71 3.65
C MET B 3 -36.28 -38.50 3.65
N GLU B 4 -35.72 -38.13 4.81
CA GLU B 4 -34.70 -37.09 4.85
C GLU B 4 -33.45 -37.53 4.11
N GLY B 5 -33.18 -38.83 4.06
CA GLY B 5 -31.98 -39.31 3.36
C GLY B 5 -32.08 -39.11 1.86
N LEU B 6 -33.24 -39.46 1.28
CA LEU B 6 -33.44 -39.26 -0.15
C LEU B 6 -33.35 -37.79 -0.55
N ALA B 7 -33.75 -36.89 0.36
CA ALA B 7 -33.62 -35.46 0.09
C ALA B 7 -32.18 -35.07 -0.16
N GLY B 8 -31.23 -35.72 0.53
CA GLY B 8 -29.82 -35.42 0.31
C GLY B 8 -29.33 -35.90 -1.04
N TYR B 9 -29.71 -37.11 -1.44
CA TYR B 9 -29.37 -37.60 -2.77
C TYR B 9 -29.87 -36.65 -3.86
N VAL B 10 -31.10 -36.15 -3.70
CA VAL B 10 -31.66 -35.23 -4.67
C VAL B 10 -30.86 -33.93 -4.69
N TYR B 11 -30.52 -33.40 -3.50
CA TYR B 11 -29.64 -32.24 -3.43
C TYR B 11 -28.32 -32.49 -4.14
N LYS B 12 -27.64 -33.59 -3.79
CA LYS B 12 -26.36 -33.94 -4.40
C LYS B 12 -26.42 -33.86 -5.93
N ALA B 13 -27.30 -34.65 -6.54
CA ALA B 13 -27.41 -34.65 -8.00
C ALA B 13 -27.68 -33.25 -8.53
N ALA B 14 -28.47 -32.45 -7.80
CA ALA B 14 -28.73 -31.08 -8.22
C ALA B 14 -27.47 -30.23 -8.13
N SER B 15 -26.74 -30.35 -7.02
CA SER B 15 -25.52 -29.56 -6.83
C SER B 15 -24.46 -29.88 -7.88
N GLU B 16 -24.43 -31.11 -8.39
CA GLU B 16 -23.45 -31.51 -9.39
C GLU B 16 -23.93 -31.31 -10.82
N GLY B 17 -25.18 -30.90 -11.00
CA GLY B 17 -25.70 -30.60 -12.33
C GLY B 17 -25.90 -31.79 -13.24
N LYS B 18 -25.88 -33.01 -12.71
CA LYS B 18 -26.16 -34.20 -13.51
C LYS B 18 -27.67 -34.37 -13.56
N VAL B 19 -28.29 -33.64 -14.50
CA VAL B 19 -29.75 -33.54 -14.56
C VAL B 19 -30.39 -34.91 -14.80
N LEU B 20 -29.80 -35.72 -15.69
CA LEU B 20 -30.33 -37.05 -15.94
C LEU B 20 -30.38 -37.89 -14.67
N THR B 21 -29.34 -37.81 -13.83
CA THR B 21 -29.32 -38.54 -12.57
C THR B 21 -30.46 -38.12 -11.64
N LEU B 22 -30.85 -36.85 -11.67
CA LEU B 22 -31.90 -36.36 -10.77
C LEU B 22 -33.24 -37.01 -11.08
N ALA B 23 -33.61 -37.04 -12.37
CA ALA B 23 -34.91 -37.60 -12.77
C ALA B 23 -35.12 -39.00 -12.22
N ALA B 24 -34.07 -39.83 -12.19
CA ALA B 24 -34.19 -41.18 -11.65
C ALA B 24 -34.66 -41.14 -10.20
N LEU B 25 -34.12 -40.22 -9.41
CA LEU B 25 -34.56 -40.07 -8.03
C LEU B 25 -35.96 -39.46 -7.96
N LEU B 26 -36.21 -38.43 -8.77
CA LEU B 26 -37.41 -37.62 -8.64
C LEU B 26 -38.66 -38.29 -9.21
N LEU B 27 -38.51 -39.16 -10.22
CA LEU B 27 -39.69 -39.73 -10.87
C LEU B 27 -40.32 -40.80 -9.98
N ASN B 28 -41.55 -41.16 -10.34
CA ASN B 28 -42.37 -42.09 -9.56
C ASN B 28 -42.54 -41.62 -8.11
N ARG B 29 -42.86 -40.34 -7.94
CA ARG B 29 -43.07 -39.76 -6.62
C ARG B 29 -44.37 -38.97 -6.56
N SER B 30 -44.98 -38.96 -5.38
CA SER B 30 -46.22 -38.26 -5.11
C SER B 30 -45.99 -36.76 -4.88
N GLU B 31 -47.07 -35.99 -5.01
CA GLU B 31 -47.01 -34.55 -4.75
C GLU B 31 -46.51 -34.23 -3.35
N SER B 32 -46.95 -34.99 -2.34
CA SER B 32 -46.51 -34.77 -0.98
C SER B 32 -44.99 -34.82 -0.85
N ASP B 33 -44.36 -35.80 -1.49
CA ASP B 33 -42.92 -35.97 -1.37
C ASP B 33 -42.14 -34.96 -2.20
N ILE B 34 -42.52 -34.78 -3.47
CA ILE B 34 -41.81 -33.83 -4.34
C ILE B 34 -41.74 -32.45 -3.72
N ARG B 35 -42.80 -32.05 -3.01
CA ARG B 35 -42.74 -30.77 -2.31
C ARG B 35 -41.60 -30.77 -1.28
N TYR B 36 -41.54 -31.80 -0.44
CA TYR B 36 -40.50 -31.89 0.57
C TYR B 36 -39.12 -32.02 -0.07
N LEU B 37 -38.99 -32.93 -1.04
CA LEU B 37 -37.68 -33.21 -1.65
C LEU B 37 -37.02 -31.96 -2.24
N LEU B 38 -37.81 -31.04 -2.80
CA LEU B 38 -37.26 -29.84 -3.41
C LEU B 38 -37.19 -28.65 -2.47
N GLY B 39 -37.91 -28.68 -1.35
CA GLY B 39 -37.87 -27.61 -0.38
C GLY B 39 -36.97 -27.85 0.81
N TYR B 40 -36.25 -28.97 0.84
CA TYR B 40 -35.32 -29.23 1.94
C TYR B 40 -34.13 -28.29 1.88
N VAL B 41 -33.71 -27.81 3.06
CA VAL B 41 -32.53 -26.96 3.18
C VAL B 41 -31.39 -27.82 3.72
N SER B 42 -30.27 -27.83 3.00
CA SER B 42 -29.14 -28.69 3.31
C SER B 42 -27.93 -27.84 3.69
N GLN B 43 -27.14 -28.33 4.64
CA GLN B 43 -25.98 -27.61 5.16
C GLN B 43 -24.72 -28.30 4.65
N GLN B 44 -24.32 -27.95 3.42
CA GLN B 44 -23.09 -28.45 2.83
C GLN B 44 -21.97 -27.49 3.21
N GLY B 45 -21.28 -27.81 4.29
CA GLY B 45 -20.30 -26.88 4.84
C GLY B 45 -20.99 -25.63 5.38
N GLY B 46 -20.48 -24.47 5.00
CA GLY B 46 -21.08 -23.22 5.46
C GLY B 46 -22.40 -22.91 4.75
N GLN B 47 -22.47 -23.18 3.45
CA GLN B 47 -23.66 -22.84 2.67
C GLN B 47 -24.83 -23.74 3.03
N ARG B 48 -25.97 -23.13 3.35
CA ARG B 48 -27.21 -23.85 3.62
C ARG B 48 -28.26 -23.32 2.64
N SER B 49 -28.56 -24.11 1.61
CA SER B 49 -29.42 -23.66 0.51
C SER B 49 -30.33 -24.80 0.06
N THR B 50 -31.14 -24.53 -1.05
CA THR B 50 -32.13 -25.34 -1.74
C THR B 50 -31.58 -25.84 -3.07
N PRO B 51 -32.05 -27.01 -3.52
CA PRO B 51 -31.59 -27.55 -4.82
C PRO B 51 -31.68 -26.59 -6.00
N LEU B 52 -32.78 -25.86 -6.16
CA LEU B 52 -32.86 -24.92 -7.29
C LEU B 52 -31.71 -23.91 -7.24
N ILE B 53 -31.44 -23.35 -6.08
CA ILE B 53 -30.38 -22.36 -5.94
C ILE B 53 -29.02 -22.98 -6.19
N ILE B 54 -28.74 -24.13 -5.56
CA ILE B 54 -27.41 -24.74 -5.68
C ILE B 54 -27.10 -25.05 -7.13
N ALA B 55 -28.13 -25.37 -7.92
CA ALA B 55 -27.93 -25.54 -9.36
C ALA B 55 -27.56 -24.21 -10.02
N ALA B 56 -28.32 -23.15 -9.72
CA ALA B 56 -28.04 -21.84 -10.29
C ALA B 56 -26.73 -21.24 -9.80
N ARG B 57 -26.29 -21.62 -8.59
CA ARG B 57 -25.02 -21.11 -8.08
C ARG B 57 -23.84 -21.66 -8.86
N ASN B 58 -23.87 -22.96 -9.18
CA ASN B 58 -22.79 -23.59 -9.92
C ASN B 58 -22.99 -23.52 -11.43
N GLY B 59 -24.01 -22.79 -11.89
CA GLY B 59 -24.20 -22.57 -13.31
C GLY B 59 -24.62 -23.78 -14.09
N HIS B 60 -25.29 -24.73 -13.44
CA HIS B 60 -25.76 -25.94 -14.12
C HIS B 60 -27.09 -25.60 -14.78
N ALA B 61 -27.01 -24.97 -15.96
CA ALA B 61 -28.22 -24.58 -16.68
C ALA B 61 -29.08 -25.78 -17.02
N LYS B 62 -28.47 -26.96 -17.11
CA LYS B 62 -29.18 -28.17 -17.53
C LYS B 62 -30.21 -28.60 -16.50
N VAL B 63 -29.78 -28.82 -15.25
CA VAL B 63 -30.72 -29.13 -14.18
C VAL B 63 -31.70 -27.98 -13.97
N VAL B 64 -31.25 -26.73 -14.19
CA VAL B 64 -32.11 -25.58 -13.96
C VAL B 64 -33.28 -25.60 -14.93
N ARG B 65 -33.01 -25.90 -16.21
CA ARG B 65 -34.09 -25.98 -17.19
C ARG B 65 -35.21 -26.91 -16.72
N LEU B 66 -34.86 -28.11 -16.26
CA LEU B 66 -35.89 -29.03 -15.79
C LEU B 66 -36.59 -28.48 -14.54
N LEU B 67 -35.80 -28.04 -13.55
CA LEU B 67 -36.38 -27.62 -12.27
C LEU B 67 -37.28 -26.40 -12.42
N LEU B 68 -36.97 -25.49 -13.33
CA LEU B 68 -37.75 -24.27 -13.49
C LEU B 68 -38.85 -24.41 -14.54
N GLU B 69 -38.51 -24.98 -15.70
CA GLU B 69 -39.49 -25.11 -16.80
C GLU B 69 -40.54 -26.17 -16.47
N HIS B 70 -40.11 -27.42 -16.27
CA HIS B 70 -41.07 -28.52 -16.16
C HIS B 70 -42.04 -28.28 -15.01
N TYR B 71 -41.52 -28.05 -13.80
CA TYR B 71 -42.36 -27.73 -12.65
C TYR B 71 -41.97 -26.31 -12.22
N ARG B 72 -42.75 -25.33 -12.66
CA ARG B 72 -42.60 -23.93 -12.29
C ARG B 72 -42.37 -23.72 -10.81
N VAL B 73 -41.17 -24.07 -10.31
CA VAL B 73 -40.87 -23.91 -8.90
C VAL B 73 -40.55 -22.46 -8.62
N GLN B 74 -40.79 -22.06 -7.38
CA GLN B 74 -40.76 -20.66 -6.99
C GLN B 74 -39.33 -20.16 -6.91
N THR B 75 -39.07 -19.01 -7.54
CA THR B 75 -37.77 -18.37 -7.50
C THR B 75 -37.53 -17.65 -6.19
N GLN B 76 -38.58 -17.43 -5.41
CA GLN B 76 -38.46 -16.73 -4.13
C GLN B 76 -37.77 -17.55 -3.06
N GLN B 77 -37.58 -18.86 -3.28
CA GLN B 77 -36.91 -19.69 -2.29
C GLN B 77 -35.54 -19.09 -1.97
N THR B 78 -35.23 -19.01 -0.68
CA THR B 78 -34.05 -18.28 -0.23
C THR B 78 -33.07 -19.22 0.44
N GLY B 79 -31.78 -18.89 0.31
CA GLY B 79 -30.74 -19.67 0.93
C GLY B 79 -29.52 -18.81 1.21
N THR B 80 -28.52 -19.45 1.82
CA THR B 80 -27.23 -18.83 2.12
C THR B 80 -26.16 -19.53 1.30
N VAL B 81 -25.62 -18.84 0.31
CA VAL B 81 -24.64 -19.43 -0.60
C VAL B 81 -23.27 -18.81 -0.32
N ARG B 82 -22.24 -19.58 -0.61
CA ARG B 82 -20.86 -19.15 -0.43
C ARG B 82 -20.29 -18.69 -1.76
N PHE B 83 -19.93 -17.41 -1.84
CA PHE B 83 -19.16 -16.88 -2.97
C PHE B 83 -17.75 -16.62 -2.47
N ASP B 84 -16.81 -17.39 -3.05
CA ASP B 84 -15.38 -17.44 -2.76
C ASP B 84 -14.90 -16.38 -1.78
N GLY B 85 -15.13 -16.62 -0.50
CA GLY B 85 -14.71 -15.73 0.57
C GLY B 85 -15.80 -15.63 1.62
N TYR B 86 -16.63 -14.60 1.52
CA TYR B 86 -17.71 -14.38 2.47
C TYR B 86 -18.95 -15.17 2.06
N VAL B 87 -19.77 -15.53 3.04
CA VAL B 87 -21.00 -16.28 2.82
C VAL B 87 -22.15 -15.27 2.85
N ILE B 88 -22.96 -15.25 1.80
CA ILE B 88 -24.04 -14.27 1.67
C ILE B 88 -25.37 -14.92 2.01
N ASP B 89 -26.15 -14.25 2.85
CA ASP B 89 -27.47 -14.70 3.26
C ASP B 89 -28.54 -13.95 2.47
N GLY B 90 -29.71 -14.57 2.37
CA GLY B 90 -30.81 -13.97 1.64
C GLY B 90 -30.65 -14.03 0.14
N ALA B 91 -29.99 -15.07 -0.36
CA ALA B 91 -29.75 -15.22 -1.79
C ALA B 91 -30.80 -16.13 -2.40
N THR B 92 -31.24 -15.77 -3.60
CA THR B 92 -32.14 -16.57 -4.40
C THR B 92 -31.41 -16.99 -5.67
N ALA B 93 -31.92 -18.05 -6.30
CA ALA B 93 -31.26 -18.59 -7.50
C ALA B 93 -31.04 -17.50 -8.53
N LEU B 94 -31.98 -16.56 -8.65
CA LEU B 94 -31.79 -15.40 -9.52
C LEU B 94 -30.55 -14.59 -9.14
N TRP B 95 -30.31 -14.43 -7.84
CA TRP B 95 -29.16 -13.63 -7.40
C TRP B 95 -27.85 -14.39 -7.58
N CYS B 96 -27.80 -15.65 -7.17
CA CYS B 96 -26.56 -16.43 -7.27
C CYS B 96 -26.08 -16.54 -8.70
N ALA B 97 -26.96 -16.94 -9.62
CA ALA B 97 -26.59 -17.01 -11.03
C ALA B 97 -26.08 -15.65 -11.52
N ALA B 98 -26.68 -14.57 -11.04
CA ALA B 98 -26.19 -13.24 -11.41
C ALA B 98 -24.81 -12.97 -10.83
N GLY B 99 -24.59 -13.35 -9.56
CA GLY B 99 -23.30 -13.12 -8.94
C GLY B 99 -22.20 -14.03 -9.45
N ALA B 100 -22.55 -15.22 -9.91
CA ALA B 100 -21.57 -16.19 -10.40
C ALA B 100 -21.31 -16.06 -11.89
N GLY B 101 -21.91 -15.07 -12.54
CA GLY B 101 -21.64 -14.84 -13.95
C GLY B 101 -22.12 -15.95 -14.86
N HIS B 102 -23.23 -16.61 -14.50
CA HIS B 102 -23.79 -17.69 -15.31
C HIS B 102 -24.93 -17.12 -16.15
N PHE B 103 -24.52 -16.54 -17.29
CA PHE B 103 -25.44 -15.84 -18.18
C PHE B 103 -26.59 -16.72 -18.61
N GLU B 104 -26.31 -17.97 -18.97
CA GLU B 104 -27.36 -18.88 -19.42
C GLU B 104 -28.40 -19.10 -18.33
N VAL B 105 -27.95 -19.30 -17.09
CA VAL B 105 -28.87 -19.50 -15.98
C VAL B 105 -29.64 -18.22 -15.69
N VAL B 106 -28.97 -17.07 -15.80
CA VAL B 106 -29.63 -15.78 -15.57
C VAL B 106 -30.80 -15.60 -16.53
N LYS B 107 -30.55 -15.74 -17.84
CA LYS B 107 -31.60 -15.61 -18.84
C LYS B 107 -32.77 -16.55 -18.54
N LEU B 108 -32.46 -17.81 -18.24
CA LEU B 108 -33.49 -18.79 -17.91
C LEU B 108 -34.28 -18.38 -16.67
N LEU B 109 -33.58 -17.93 -15.63
CA LEU B 109 -34.26 -17.63 -14.37
C LEU B 109 -35.23 -16.47 -14.51
N VAL B 110 -34.78 -15.34 -15.05
CA VAL B 110 -35.67 -14.17 -15.17
C VAL B 110 -36.81 -14.46 -16.15
N SER B 111 -36.50 -15.13 -17.27
CA SER B 111 -37.53 -15.42 -18.27
C SER B 111 -38.68 -16.21 -17.68
N HIS B 112 -38.39 -17.14 -16.78
CA HIS B 112 -39.41 -17.96 -16.15
C HIS B 112 -40.09 -17.26 -14.97
N GLY B 113 -39.88 -15.97 -14.79
CA GLY B 113 -40.61 -15.19 -13.83
C GLY B 113 -39.93 -14.93 -12.50
N ALA B 114 -38.61 -14.80 -12.48
CA ALA B 114 -37.89 -14.57 -11.24
C ALA B 114 -37.98 -13.11 -10.83
N ASN B 115 -37.95 -12.87 -9.52
CA ASN B 115 -38.02 -11.53 -8.99
C ASN B 115 -36.72 -10.82 -9.35
N VAL B 116 -36.80 -9.92 -10.34
CA VAL B 116 -35.58 -9.36 -10.93
C VAL B 116 -34.93 -8.31 -10.02
N ASN B 117 -35.71 -7.63 -9.18
CA ASN B 117 -35.15 -6.62 -8.29
C ASN B 117 -35.17 -7.08 -6.85
N HIS B 118 -35.27 -8.39 -6.62
CA HIS B 118 -35.24 -8.96 -5.28
C HIS B 118 -33.87 -8.71 -4.64
N THR B 119 -33.90 -8.25 -3.39
CA THR B 119 -32.71 -7.81 -2.67
C THR B 119 -32.27 -8.86 -1.65
N THR B 120 -30.96 -9.02 -1.52
CA THR B 120 -30.39 -9.94 -0.54
C THR B 120 -30.56 -9.36 0.87
N VAL B 121 -29.85 -9.98 1.84
CA VAL B 121 -29.93 -9.52 3.22
C VAL B 121 -29.40 -8.09 3.35
N THR B 122 -28.36 -7.75 2.59
CA THR B 122 -27.82 -6.41 2.55
C THR B 122 -28.48 -5.55 1.48
N ASN B 123 -29.61 -6.00 0.93
CA ASN B 123 -30.28 -5.34 -0.19
C ASN B 123 -29.37 -5.23 -1.41
N SER B 124 -28.65 -6.30 -1.70
CA SER B 124 -27.88 -6.39 -2.93
C SER B 124 -28.76 -7.01 -4.02
N THR B 125 -29.06 -6.24 -5.05
CA THR B 125 -29.81 -6.75 -6.17
C THR B 125 -28.90 -7.57 -7.08
N PRO B 126 -29.48 -8.48 -7.86
CA PRO B 126 -28.68 -9.16 -8.89
C PRO B 126 -27.96 -8.19 -9.80
N LEU B 127 -28.56 -7.02 -10.02
CA LEU B 127 -27.86 -5.95 -10.74
C LEU B 127 -26.60 -5.50 -9.99
N ARG B 128 -26.67 -5.46 -8.65
N ARG B 128 -26.67 -5.43 -8.66
CA ARG B 128 -25.48 -5.10 -7.88
CA ARG B 128 -25.46 -5.11 -7.90
C ARG B 128 -24.41 -6.18 -7.97
C ARG B 128 -24.39 -6.18 -8.10
N ALA B 129 -24.81 -7.44 -8.08
CA ALA B 129 -23.85 -8.53 -8.22
C ALA B 129 -23.15 -8.46 -9.57
N ALA B 130 -23.90 -8.20 -10.64
CA ALA B 130 -23.31 -8.17 -11.97
C ALA B 130 -22.41 -6.96 -12.17
N CYS B 131 -22.67 -5.85 -11.47
CA CYS B 131 -21.76 -4.72 -11.53
C CYS B 131 -20.56 -4.90 -10.61
N PHE B 132 -20.76 -5.55 -9.46
CA PHE B 132 -19.64 -5.90 -8.59
C PHE B 132 -18.62 -6.78 -9.31
N ASP B 133 -19.09 -7.90 -9.87
CA ASP B 133 -18.19 -8.80 -10.56
C ASP B 133 -17.82 -8.28 -11.94
N GLY B 134 -18.69 -7.51 -12.58
CA GLY B 134 -18.35 -6.80 -13.80
C GLY B 134 -18.77 -7.43 -15.10
N ARG B 135 -19.85 -8.20 -15.13
CA ARG B 135 -20.31 -8.83 -16.37
C ARG B 135 -21.30 -7.91 -17.07
N LEU B 136 -20.81 -7.11 -18.04
CA LEU B 136 -21.71 -6.22 -18.77
C LEU B 136 -22.80 -6.98 -19.50
N ASP B 137 -22.48 -8.16 -20.04
CA ASP B 137 -23.49 -8.95 -20.72
C ASP B 137 -24.71 -9.19 -19.83
N ILE B 138 -24.46 -9.63 -18.59
CA ILE B 138 -25.55 -9.80 -17.62
C ILE B 138 -26.10 -8.44 -17.20
N VAL B 139 -25.21 -7.49 -16.87
CA VAL B 139 -25.65 -6.15 -16.44
C VAL B 139 -26.69 -5.58 -17.40
N LYS B 140 -26.38 -5.59 -18.70
CA LYS B 140 -27.33 -5.09 -19.69
C LYS B 140 -28.64 -5.87 -19.64
N TYR B 141 -28.54 -7.20 -19.80
CA TYR B 141 -29.73 -8.05 -19.89
C TYR B 141 -30.69 -7.83 -18.72
N LEU B 142 -30.15 -7.67 -17.52
CA LEU B 142 -30.99 -7.39 -16.36
C LEU B 142 -31.75 -6.08 -16.54
N VAL B 143 -31.08 -5.06 -17.06
CA VAL B 143 -31.70 -3.73 -17.17
C VAL B 143 -32.91 -3.74 -18.08
N GLU B 144 -32.84 -4.41 -19.24
CA GLU B 144 -34.03 -4.44 -20.10
C GLU B 144 -35.18 -5.21 -19.45
N ASN B 145 -34.88 -6.17 -18.57
CA ASN B 145 -35.93 -6.97 -17.94
C ASN B 145 -36.42 -6.37 -16.64
N ASN B 146 -36.40 -5.04 -16.54
CA ASN B 146 -37.03 -4.24 -15.50
C ASN B 146 -36.34 -4.37 -14.14
N ALA B 147 -35.09 -4.85 -14.10
CA ALA B 147 -34.33 -4.71 -12.87
C ALA B 147 -34.09 -3.23 -12.61
N ASN B 148 -34.22 -2.82 -11.36
CA ASN B 148 -34.20 -1.40 -11.05
C ASN B 148 -32.77 -0.98 -10.73
N ILE B 149 -32.29 0.04 -11.45
CA ILE B 149 -30.91 0.48 -11.27
C ILE B 149 -30.75 1.36 -10.04
N SER B 150 -31.81 2.01 -9.60
CA SER B 150 -31.80 2.91 -8.45
C SER B 150 -31.84 2.20 -7.12
N ILE B 151 -31.93 0.86 -7.10
CA ILE B 151 -32.15 0.10 -5.87
C ILE B 151 -31.04 0.34 -4.86
N ALA B 152 -29.82 -0.06 -5.20
CA ALA B 152 -28.67 -0.03 -4.29
C ALA B 152 -28.89 -0.87 -3.05
N ASN B 153 -27.86 -0.97 -2.21
CA ASN B 153 -27.87 -1.81 -1.02
C ASN B 153 -28.06 -0.97 0.23
N LYS B 154 -27.84 -1.61 1.39
CA LYS B 154 -27.61 -0.87 2.61
C LYS B 154 -26.38 0.03 2.44
N TYR B 155 -26.29 1.03 3.30
CA TYR B 155 -25.29 2.09 3.20
C TYR B 155 -25.41 2.86 1.88
N ASP B 156 -26.42 2.54 1.07
CA ASP B 156 -26.72 3.26 -0.17
C ASP B 156 -25.53 3.29 -1.12
N ASN B 157 -24.98 2.11 -1.41
CA ASN B 157 -23.91 1.96 -2.40
C ASN B 157 -24.53 1.49 -3.70
N THR B 158 -24.76 2.43 -4.61
CA THR B 158 -25.46 2.12 -5.85
C THR B 158 -24.65 1.17 -6.72
N CYS B 159 -25.33 0.58 -7.70
CA CYS B 159 -24.64 -0.24 -8.70
C CYS B 159 -23.61 0.58 -9.47
N LEU B 160 -23.90 1.87 -9.70
CA LEU B 160 -22.89 2.75 -10.29
C LEU B 160 -21.65 2.82 -9.41
N MET B 161 -21.85 2.99 -8.09
CA MET B 161 -20.72 3.14 -7.18
C MET B 161 -19.83 1.91 -7.19
N ILE B 162 -20.41 0.72 -7.03
CA ILE B 162 -19.60 -0.49 -6.95
C ILE B 162 -18.83 -0.71 -8.25
N ALA B 163 -19.47 -0.48 -9.40
CA ALA B 163 -18.76 -0.56 -10.66
C ALA B 163 -17.71 0.54 -10.76
N ALA B 164 -18.05 1.75 -10.31
CA ALA B 164 -17.08 2.83 -10.28
C ALA B 164 -15.88 2.48 -9.41
N TYR B 165 -16.10 1.80 -8.29
CA TYR B 165 -15.00 1.36 -7.46
C TYR B 165 -14.24 0.20 -8.09
N LYS B 166 -14.96 -0.79 -8.61
CA LYS B 166 -14.32 -1.98 -9.13
C LYS B 166 -13.74 -1.79 -10.52
N GLY B 167 -13.77 -0.57 -11.04
CA GLY B 167 -13.10 -0.25 -12.28
C GLY B 167 -13.70 -0.89 -13.51
N HIS B 168 -14.99 -1.20 -13.49
CA HIS B 168 -15.66 -1.78 -14.65
C HIS B 168 -16.20 -0.64 -15.51
N THR B 169 -15.25 0.02 -16.19
CA THR B 169 -15.54 1.17 -17.03
C THR B 169 -16.69 0.90 -17.99
N ASP B 170 -16.71 -0.31 -18.55
CA ASP B 170 -17.70 -0.67 -19.55
C ASP B 170 -19.11 -0.59 -18.96
N VAL B 171 -19.32 -1.18 -17.78
CA VAL B 171 -20.64 -1.12 -17.16
C VAL B 171 -20.99 0.31 -16.79
N VAL B 172 -19.99 1.10 -16.38
CA VAL B 172 -20.25 2.49 -15.98
C VAL B 172 -20.84 3.29 -17.13
N ARG B 173 -20.20 3.24 -18.31
CA ARG B 173 -20.74 3.95 -19.47
C ARG B 173 -22.15 3.51 -19.78
N TYR B 174 -22.37 2.19 -19.87
CA TYR B 174 -23.71 1.66 -20.10
C TYR B 174 -24.66 2.09 -19.00
N LEU B 175 -24.21 1.98 -17.75
CA LEU B 175 -25.08 2.27 -16.61
C LEU B 175 -25.60 3.71 -16.62
N LEU B 176 -24.94 4.63 -17.32
CA LEU B 176 -25.50 5.98 -17.40
C LEU B 176 -26.71 6.11 -18.30
N GLU B 177 -27.58 5.09 -18.26
CA GLU B 177 -28.98 5.26 -18.62
C GLU B 177 -29.80 5.83 -17.47
N GLN B 178 -29.13 6.21 -16.37
CA GLN B 178 -29.80 6.80 -15.21
C GLN B 178 -29.00 7.84 -14.44
N ARG B 179 -29.08 7.71 -13.11
CA ARG B 179 -28.45 8.57 -12.13
C ARG B 179 -26.94 8.65 -12.28
N ALA B 180 -26.42 9.88 -12.29
CA ALA B 180 -25.00 10.14 -12.13
C ALA B 180 -24.88 10.50 -10.65
N ASP B 181 -23.94 11.40 -10.27
CA ASP B 181 -23.63 11.82 -8.89
C ASP B 181 -24.63 11.26 -7.88
N PRO B 182 -24.53 9.97 -7.56
CA PRO B 182 -25.65 9.29 -6.90
C PRO B 182 -25.82 9.54 -5.42
N ASN B 183 -26.40 8.56 -4.74
CA ASN B 183 -26.79 8.58 -3.32
C ASN B 183 -25.75 9.18 -2.38
N ALA B 184 -24.72 9.83 -2.92
CA ALA B 184 -23.67 10.45 -2.13
C ALA B 184 -23.07 9.45 -1.16
N LYS B 185 -23.17 8.17 -1.51
CA LYS B 185 -22.84 7.04 -0.64
C LYS B 185 -23.66 7.14 0.64
N ALA B 186 -24.47 8.19 0.74
CA ALA B 186 -25.17 8.62 1.93
C ALA B 186 -24.33 8.41 3.18
N HIS B 187 -24.05 7.15 3.50
CA HIS B 187 -23.28 6.80 4.68
C HIS B 187 -21.83 7.29 4.60
N CYS B 188 -21.08 6.83 3.58
CA CYS B 188 -19.70 7.28 3.43
C CYS B 188 -19.60 8.76 3.10
N GLY B 189 -20.64 9.33 2.50
CA GLY B 189 -20.57 10.68 1.98
C GLY B 189 -19.86 10.81 0.64
N ALA B 190 -19.78 9.73 -0.14
CA ALA B 190 -18.93 9.65 -1.31
C ALA B 190 -19.76 9.55 -2.58
N THR B 191 -19.28 10.17 -3.65
CA THR B 191 -19.96 10.06 -4.93
C THR B 191 -19.38 8.88 -5.70
N ALA B 192 -20.10 8.44 -6.73
CA ALA B 192 -19.56 7.37 -7.56
C ALA B 192 -18.22 7.79 -8.17
N LEU B 193 -18.05 9.07 -8.47
CA LEU B 193 -16.77 9.58 -8.92
C LEU B 193 -15.73 9.61 -7.80
N HIS B 194 -16.16 9.69 -6.53
CA HIS B 194 -15.22 9.61 -5.42
C HIS B 194 -14.53 8.26 -5.37
N PHE B 195 -15.32 7.18 -5.51
CA PHE B 195 -14.71 5.86 -5.52
C PHE B 195 -13.78 5.73 -6.71
N ALA B 196 -14.16 6.32 -7.84
CA ALA B 196 -13.31 6.34 -9.01
C ALA B 196 -12.00 7.07 -8.76
N ALA B 197 -12.08 8.22 -8.08
CA ALA B 197 -10.87 8.98 -7.79
C ALA B 197 -9.97 8.23 -6.80
N GLU B 198 -10.58 7.61 -5.79
CA GLU B 198 -9.81 6.82 -4.82
C GLU B 198 -9.05 5.70 -5.51
N ALA B 199 -9.72 4.95 -6.38
CA ALA B 199 -9.07 3.85 -7.08
C ALA B 199 -8.31 4.31 -8.31
N GLY B 200 -8.39 5.59 -8.66
CA GLY B 200 -7.63 6.11 -9.78
C GLY B 200 -7.96 5.48 -11.11
N HIS B 201 -9.23 5.11 -11.32
CA HIS B 201 -9.66 4.60 -12.62
C HIS B 201 -9.93 5.82 -13.50
N ILE B 202 -8.85 6.33 -14.10
CA ILE B 202 -8.92 7.58 -14.85
C ILE B 202 -9.93 7.44 -15.97
N ASP B 203 -10.09 6.22 -16.47
CA ASP B 203 -10.97 5.97 -17.61
C ASP B 203 -12.42 6.33 -17.30
N ILE B 204 -12.93 5.92 -16.14
CA ILE B 204 -14.32 6.24 -15.83
C ILE B 204 -14.49 7.69 -15.37
N VAL B 205 -13.51 8.23 -14.64
CA VAL B 205 -13.65 9.60 -14.13
C VAL B 205 -13.91 10.58 -15.26
N LYS B 206 -13.28 10.34 -16.42
CA LYS B 206 -13.62 11.12 -17.61
C LYS B 206 -15.09 10.93 -17.98
N GLU B 207 -15.56 9.68 -17.92
CA GLU B 207 -16.96 9.42 -18.24
C GLU B 207 -17.89 10.10 -17.26
N LEU B 208 -17.52 10.19 -15.98
CA LEU B 208 -18.39 10.81 -14.99
C LEU B 208 -18.69 12.27 -15.29
N ILE B 209 -17.99 12.88 -16.23
CA ILE B 209 -18.25 14.28 -16.58
C ILE B 209 -18.93 14.43 -17.93
N LYS B 210 -18.36 13.84 -18.98
CA LYS B 210 -18.87 13.98 -20.34
C LYS B 210 -19.39 12.63 -20.82
N TRP B 211 -19.01 12.16 -22.02
CA TRP B 211 -19.51 11.00 -22.78
C TRP B 211 -20.59 10.06 -22.21
N ARG B 212 -21.48 10.53 -21.32
CA ARG B 212 -22.65 9.79 -20.80
C ARG B 212 -23.14 10.37 -19.48
N ALA B 213 -22.24 10.49 -18.52
CA ALA B 213 -22.59 10.95 -17.18
C ALA B 213 -22.69 12.46 -17.13
N ALA B 214 -23.49 12.93 -16.18
CA ALA B 214 -23.74 14.36 -15.99
C ALA B 214 -22.48 15.06 -15.51
N ILE B 215 -22.62 16.24 -14.92
CA ILE B 215 -21.42 16.91 -14.46
C ILE B 215 -20.93 16.31 -13.16
N VAL B 216 -21.87 15.74 -12.37
CA VAL B 216 -21.60 15.13 -11.06
C VAL B 216 -21.07 16.18 -10.10
N VAL B 217 -21.71 16.30 -8.92
CA VAL B 217 -21.28 17.34 -8.01
C VAL B 217 -19.87 17.05 -7.51
N ASN B 218 -19.04 18.08 -7.52
CA ASN B 218 -17.69 17.94 -7.00
C ASN B 218 -17.67 18.03 -5.49
N GLY B 219 -18.82 18.23 -4.86
CA GLY B 219 -18.87 18.38 -3.42
C GLY B 219 -18.93 17.08 -2.63
N HIS B 220 -18.04 16.95 -1.63
CA HIS B 220 -18.13 15.93 -0.58
C HIS B 220 -17.81 16.41 0.83
N GLY B 221 -17.04 17.48 1.02
CA GLY B 221 -16.73 17.91 2.37
C GLY B 221 -15.48 17.22 2.86
N MET B 222 -15.67 16.08 3.55
CA MET B 222 -14.59 15.28 4.12
C MET B 222 -13.68 14.82 2.99
N THR B 223 -12.90 15.78 2.45
CA THR B 223 -12.01 15.73 1.29
C THR B 223 -12.93 15.96 0.10
N PRO B 224 -12.60 16.85 -0.84
CA PRO B 224 -13.41 16.94 -2.06
C PRO B 224 -13.30 15.66 -2.86
N LEU B 225 -13.76 15.68 -4.11
CA LEU B 225 -13.60 14.48 -4.91
C LEU B 225 -12.13 14.26 -5.25
N LYS B 226 -11.31 15.29 -5.08
CA LYS B 226 -9.85 15.22 -5.14
C LYS B 226 -9.30 14.38 -4.00
N VAL B 227 -9.97 13.27 -3.67
CA VAL B 227 -9.44 12.29 -2.73
C VAL B 227 -8.17 11.67 -3.31
N ALA B 228 -8.08 11.62 -4.65
CA ALA B 228 -6.96 10.99 -5.33
C ALA B 228 -5.62 11.62 -4.96
N ALA B 229 -5.62 12.86 -4.49
CA ALA B 229 -4.38 13.44 -3.98
C ALA B 229 -3.82 12.57 -2.84
N GLU B 230 -4.68 12.12 -1.93
CA GLU B 230 -4.24 11.20 -0.88
C GLU B 230 -4.00 9.80 -1.43
N SER B 231 -4.81 9.37 -2.39
CA SER B 231 -4.67 8.05 -3.00
C SER B 231 -3.51 7.99 -4.00
N CYS B 232 -2.70 9.04 -4.08
CA CYS B 232 -1.53 9.10 -4.95
C CYS B 232 -1.89 8.82 -6.41
N LYS B 233 -3.06 9.25 -6.83
CA LYS B 233 -3.52 9.03 -8.20
C LYS B 233 -3.37 10.30 -9.02
N ALA B 234 -2.10 10.64 -9.28
CA ALA B 234 -1.75 11.86 -9.99
C ALA B 234 -2.47 11.99 -11.31
N ASP B 235 -2.73 10.86 -11.98
CA ASP B 235 -3.43 10.87 -13.26
C ASP B 235 -4.75 11.64 -13.18
N VAL B 236 -5.67 11.19 -12.30
CA VAL B 236 -6.98 11.84 -12.10
C VAL B 236 -6.88 13.13 -11.30
N VAL B 237 -5.78 13.35 -10.59
CA VAL B 237 -5.65 14.60 -9.87
C VAL B 237 -5.50 15.77 -10.84
N GLU B 238 -4.63 15.63 -11.82
CA GLU B 238 -4.49 16.66 -12.84
C GLU B 238 -5.79 16.79 -13.64
N LEU B 239 -6.45 15.65 -13.91
CA LEU B 239 -7.68 15.67 -14.69
C LEU B 239 -8.73 16.55 -14.02
N LEU B 240 -9.00 16.31 -12.73
CA LEU B 240 -9.95 17.13 -12.00
C LEU B 240 -9.52 18.59 -11.93
N LEU B 241 -8.21 18.86 -11.95
CA LEU B 241 -7.72 20.22 -11.91
C LEU B 241 -8.06 21.01 -13.16
N SER B 242 -8.34 20.33 -14.28
CA SER B 242 -8.66 21.05 -15.50
C SER B 242 -10.01 21.75 -15.40
N HIS B 243 -10.94 21.19 -14.65
CA HIS B 243 -12.22 21.81 -14.37
C HIS B 243 -12.01 22.93 -13.36
N ALA B 244 -12.05 24.16 -13.85
CA ALA B 244 -11.55 25.35 -13.17
C ALA B 244 -12.69 26.19 -12.60
N ASP B 245 -12.27 27.18 -11.79
CA ASP B 245 -13.12 28.14 -11.08
C ASP B 245 -13.65 27.47 -9.82
N CYS B 246 -13.59 26.14 -9.79
CA CYS B 246 -13.88 25.33 -8.63
C CYS B 246 -12.65 24.63 -8.10
N ASP B 247 -11.71 24.30 -8.98
CA ASP B 247 -10.47 23.61 -8.63
C ASP B 247 -9.24 24.26 -9.24
N ARG B 248 -9.34 25.47 -9.80
CA ARG B 248 -8.19 26.07 -10.46
C ARG B 248 -8.19 27.60 -10.46
N ARG B 249 -8.96 28.22 -11.37
CA ARG B 249 -8.87 29.67 -11.57
C ARG B 249 -9.16 30.46 -10.30
N SER B 250 -10.41 30.46 -9.85
CA SER B 250 -10.72 31.11 -8.57
C SER B 250 -10.18 30.28 -7.42
N ARG B 251 -10.23 28.96 -7.54
CA ARG B 251 -9.84 28.03 -6.48
C ARG B 251 -8.34 28.05 -6.26
N ILE B 252 -7.88 29.07 -5.52
CA ILE B 252 -6.48 29.13 -5.12
C ILE B 252 -6.16 28.02 -4.14
N GLU B 253 -7.15 27.61 -3.32
CA GLU B 253 -6.92 26.59 -2.30
C GLU B 253 -6.63 25.22 -2.90
N ALA B 254 -6.85 25.02 -4.19
CA ALA B 254 -6.65 23.71 -4.80
C ALA B 254 -5.18 23.29 -4.83
N LEU B 255 -4.49 23.51 -3.71
CA LEU B 255 -3.18 22.95 -3.42
C LEU B 255 -3.41 21.52 -2.95
N GLU B 256 -3.51 20.60 -3.91
CA GLU B 256 -3.75 19.21 -3.55
C GLU B 256 -2.53 18.59 -2.88
N LEU B 257 -1.33 18.99 -3.29
CA LEU B 257 -0.07 18.55 -2.70
C LEU B 257 -0.02 17.03 -2.56
N LEU B 258 0.01 16.39 -3.74
CA LEU B 258 0.20 14.94 -3.82
C LEU B 258 1.50 14.53 -3.13
N GLY B 259 2.56 15.33 -3.29
CA GLY B 259 3.87 14.96 -2.82
C GLY B 259 3.92 14.47 -1.39
N ALA B 260 3.08 15.02 -0.52
CA ALA B 260 3.01 14.50 0.85
C ALA B 260 2.66 13.01 0.83
N SER B 261 1.69 12.62 -0.01
CA SER B 261 1.30 11.22 -0.11
C SER B 261 2.34 10.38 -0.82
N PHE B 262 3.15 10.99 -1.68
CA PHE B 262 4.19 10.26 -2.39
C PHE B 262 5.37 9.89 -1.49
N ALA B 263 5.39 10.39 -0.26
CA ALA B 263 6.39 9.98 0.73
C ALA B 263 5.84 8.99 1.75
N ASN B 264 4.52 8.94 1.94
CA ASN B 264 3.89 8.11 2.96
C ASN B 264 3.63 6.70 2.46
N ASP B 265 2.78 6.55 1.44
CA ASP B 265 2.40 5.23 0.96
C ASP B 265 3.63 4.44 0.52
N ARG B 266 4.00 3.41 1.29
CA ARG B 266 5.21 2.66 1.00
C ARG B 266 5.13 1.83 -0.27
N GLU B 267 3.94 1.73 -0.87
CA GLU B 267 3.81 1.05 -2.15
C GLU B 267 4.25 1.93 -3.30
N ASN B 268 3.73 3.17 -3.37
CA ASN B 268 4.01 4.09 -4.46
C ASN B 268 4.93 5.24 -4.02
N TYR B 269 5.82 4.96 -3.07
CA TYR B 269 6.64 6.00 -2.44
C TYR B 269 7.72 6.49 -3.41
N ASP B 270 7.59 7.74 -3.87
CA ASP B 270 8.63 8.41 -4.64
C ASP B 270 8.87 9.78 -4.02
N ILE B 271 9.98 9.91 -3.28
CA ILE B 271 10.31 11.19 -2.66
C ILE B 271 10.83 12.21 -3.67
N ILE B 272 11.22 11.79 -4.87
CA ILE B 272 11.45 12.74 -5.95
C ILE B 272 10.13 13.38 -6.38
N LYS B 273 9.10 12.55 -6.56
CA LYS B 273 7.76 13.07 -6.82
C LYS B 273 7.22 13.88 -5.64
N THR B 274 7.73 13.64 -4.44
CA THR B 274 7.34 14.45 -3.31
C THR B 274 7.74 15.91 -3.53
N TYR B 275 9.02 16.16 -3.75
CA TYR B 275 9.52 17.51 -3.94
C TYR B 275 8.93 18.17 -5.18
N HIS B 276 8.66 17.39 -6.24
CA HIS B 276 8.17 17.97 -7.48
C HIS B 276 6.80 18.63 -7.29
N TYR B 277 5.83 17.86 -6.77
CA TYR B 277 4.50 18.41 -6.55
C TYR B 277 4.50 19.43 -5.43
N LEU B 278 5.28 19.18 -4.37
CA LEU B 278 5.32 20.10 -3.23
C LEU B 278 5.93 21.43 -3.60
N TYR B 279 6.90 21.44 -4.51
CA TYR B 279 7.52 22.69 -4.94
C TYR B 279 6.53 23.52 -5.75
N LEU B 280 5.63 22.88 -6.50
CA LEU B 280 4.54 23.61 -7.14
C LEU B 280 3.75 24.43 -6.14
N ALA B 281 3.60 23.93 -4.90
CA ALA B 281 2.85 24.67 -3.89
C ALA B 281 3.51 26.01 -3.61
N MET B 282 4.81 26.00 -3.33
CA MET B 282 5.50 27.27 -3.11
C MET B 282 5.41 28.16 -4.35
N LEU B 283 5.59 27.59 -5.53
CA LEU B 283 5.53 28.38 -6.75
C LEU B 283 4.12 28.95 -6.97
N GLU B 284 3.10 28.12 -6.79
CA GLU B 284 1.73 28.62 -6.89
C GLU B 284 1.37 29.54 -5.73
N ARG B 285 1.88 29.28 -4.53
CA ARG B 285 1.58 30.16 -3.40
C ARG B 285 2.24 31.52 -3.55
N PHE B 286 3.24 31.64 -4.41
CA PHE B 286 3.96 32.90 -4.57
C PHE B 286 3.85 33.38 -6.01
N GLN B 287 2.63 33.35 -6.56
CA GLN B 287 2.44 33.88 -7.91
C GLN B 287 2.27 35.39 -7.89
N ASP B 288 1.39 35.90 -7.03
CA ASP B 288 1.19 37.33 -6.88
C ASP B 288 2.09 37.89 -5.77
N PRO B 299 0.39 26.70 8.66
CA PRO B 299 1.69 26.57 9.35
C PRO B 299 1.55 25.84 10.68
N PRO B 300 2.46 24.89 10.98
CA PRO B 300 2.28 24.07 12.18
C PRO B 300 3.28 24.31 13.30
N ILE B 301 3.50 23.28 14.10
CA ILE B 301 4.49 23.31 15.16
C ILE B 301 5.49 22.20 14.93
N HIS B 302 6.65 22.34 15.56
CA HIS B 302 7.70 21.32 15.53
C HIS B 302 7.36 20.24 16.55
N ALA B 303 6.61 19.23 16.13
CA ALA B 303 6.34 18.07 16.98
C ALA B 303 7.58 17.16 17.04
N TYR B 304 8.20 17.09 18.24
CA TYR B 304 9.42 16.32 18.46
C TYR B 304 10.54 16.74 17.50
N GLY B 305 10.69 18.05 17.34
CA GLY B 305 11.60 18.62 16.37
C GLY B 305 11.20 18.39 14.93
N ASN B 306 10.20 19.16 14.47
CA ASN B 306 9.80 19.18 13.08
C ASN B 306 9.89 20.58 12.49
N ARG B 307 8.91 20.95 11.68
CA ARG B 307 8.88 22.24 11.01
C ARG B 307 8.93 23.38 12.01
N ARG B 311 10.67 19.99 7.27
CA ARG B 311 9.92 21.21 7.50
C ARG B 311 8.79 21.39 6.49
N ASN B 312 7.82 22.21 6.85
CA ASN B 312 6.64 22.51 6.03
C ASN B 312 6.64 23.88 5.34
N PRO B 313 7.35 24.92 5.82
CA PRO B 313 7.23 26.23 5.18
C PRO B 313 7.69 26.26 3.73
N GLN B 314 6.92 26.98 2.91
CA GLN B 314 7.28 27.31 1.53
C GLN B 314 8.13 28.56 1.43
N GLU B 315 7.94 29.52 2.33
CA GLU B 315 8.79 30.70 2.36
C GLU B 315 10.24 30.35 2.70
N LEU B 316 10.43 29.44 3.66
CA LEU B 316 11.77 29.08 4.10
C LEU B 316 12.56 28.43 2.98
N GLU B 317 13.39 29.23 2.31
CA GLU B 317 14.26 28.76 1.23
C GLU B 317 13.48 28.31 0.00
N SER B 318 12.17 28.12 0.13
CA SER B 318 11.37 27.41 -0.87
C SER B 318 11.92 25.99 -1.05
N ILE B 319 12.22 25.37 0.09
CA ILE B 319 12.71 23.99 0.22
C ILE B 319 14.17 23.90 -0.19
N ARG B 320 15.02 23.49 0.75
CA ARG B 320 16.43 23.28 0.46
C ARG B 320 16.66 22.05 -0.41
N GLN B 321 15.77 21.05 -0.35
CA GLN B 321 15.83 19.82 -1.16
C GLN B 321 16.97 18.86 -0.77
N ASP B 322 17.21 17.85 -1.62
CA ASP B 322 18.36 16.96 -1.60
C ASP B 322 18.36 15.94 -0.46
N ARG B 323 18.24 16.40 0.78
CA ARG B 323 18.28 15.53 1.95
C ARG B 323 17.05 14.63 2.02
N ASP B 324 17.21 13.52 2.74
CA ASP B 324 16.08 12.65 3.06
C ASP B 324 15.13 13.33 4.05
N ALA B 325 15.56 14.43 4.66
CA ALA B 325 14.73 15.22 5.56
C ALA B 325 13.38 15.54 4.91
N LEU B 326 13.34 15.59 3.58
CA LEU B 326 12.08 15.83 2.87
C LEU B 326 11.04 14.79 3.22
N HIS B 327 11.46 13.55 3.51
CA HIS B 327 10.54 12.52 3.96
C HIS B 327 9.73 12.99 5.17
N MET B 328 10.42 13.27 6.29
CA MET B 328 9.72 13.81 7.44
C MET B 328 9.00 15.11 7.09
N GLU B 329 9.55 15.90 6.16
CA GLU B 329 8.88 17.11 5.72
C GLU B 329 7.59 16.78 4.98
N GLY B 330 7.62 15.77 4.12
CA GLY B 330 6.40 15.32 3.46
C GLY B 330 5.36 14.81 4.45
N LEU B 331 5.81 14.27 5.58
CA LEU B 331 4.88 13.84 6.62
C LEU B 331 4.25 15.03 7.34
N ILE B 332 5.04 16.08 7.58
CA ILE B 332 4.50 17.28 8.23
C ILE B 332 3.38 17.88 7.38
N VAL B 333 3.58 17.94 6.06
CA VAL B 333 2.53 18.40 5.15
C VAL B 333 1.25 17.58 5.36
N ARG B 334 1.37 16.25 5.29
CA ARG B 334 0.22 15.38 5.52
C ARG B 334 -0.43 15.66 6.87
N GLU B 335 0.37 15.89 7.91
CA GLU B 335 -0.18 16.17 9.23
C GLU B 335 -0.96 17.49 9.23
N ARG B 336 -0.43 18.51 8.58
CA ARG B 336 -1.10 19.81 8.52
C ARG B 336 -2.44 19.70 7.82
N ILE B 337 -2.44 19.21 6.58
CA ILE B 337 -3.65 19.15 5.79
C ILE B 337 -4.69 18.20 6.38
N LEU B 338 -4.25 17.23 7.20
CA LEU B 338 -5.11 16.18 7.76
C LEU B 338 -5.85 15.41 6.67
C2 A1CMY C . 8.68 3.88 12.17
C3 A1CMY C . 8.08 4.93 12.79
C5 A1CMY C . 6.71 5.31 12.50
C12 A1CMY C . 7.93 3.14 11.23
C10 A1CMY C . 4.39 3.76 9.96
C7 A1CMY C . 4.71 4.76 11.06
C8 A1CMY C . 3.72 4.59 12.21
C9 A1CMY C . 4.62 6.17 10.49
N11 A1CMY C . 6.70 3.41 10.92
N6 A1CMY C . 6.11 4.51 11.55
O13 A1CMY C . 6.11 6.22 13.04
CL1 A1CMY C . 10.32 3.43 12.44
CL4 A1CMY C . 8.89 5.92 13.94
#